data_7B6N
#
_entry.id   7B6N
#
_cell.length_a   58.046
_cell.length_b   57.932
_cell.length_c   74.110
_cell.angle_alpha   96.99
_cell.angle_beta   91.40
_cell.angle_gamma   105.44
#
_symmetry.space_group_name_H-M   'P 1'
#
loop_
_entity.id
_entity.type
_entity.pdbx_description
1 polymer 'UDP-N-acetylmuramoyl-L-alanyl-D-glutamate--2,6-diaminopimelate ligase'
2 non-polymer 1,2-ETHANEDIOL
3 non-polymer N-(2-(2,4-dioxothiazolidin-3-yl)ethyl)-3-methylbenzamide
4 water water
#
_entity_poly.entity_id   1
_entity_poly.type   'polypeptide(L)'
_entity_poly.pdbx_seq_one_letter_code
;SMADRNLRDLLAPWVPDAPSRALREMTLDSRVAAAGDLFVAVVGHQADGRRYIPQAIAQGVAAIIAEAKDEATDGEIREM
HGVPVIYLSQLNERLSALAGRFYHEPSDNLRLVGVTGTNGKTTTTQLLAQWSQLLGEISAVMGTVGNGLLGKVIPTENTT
GSAVDVQHELAGLVDQGATFCAMEVSSHGLVQHRVAALKFAASVFTNLSRDHLDYHGDMEHYEAAKWLLYSEHHCGQAII
NADDEVGRRWLAKLPDAVAVSMEDHINPNCHGRWLKATEVNYHDSGATIRFSSSWGDGEIESHLMGAFNVSNLLLALATL
LALGYPLADLLKTAARLQPVCGRMEVFTAPGKPTVVVDYAHTPDALEKALQAARLHCAGKLWCVFGCGGDRDKGKRPLMG
AIAEEFADVAVVTDDNPRTEEPRAIINDILAGMLDAGHAKVMEGRAEAVTCAVMQAKENDVVLVAGKGHEDYQIVGNQRL
DYSDRVTVARLLGVIA
;
_entity_poly.pdbx_strand_id   A,B
#
# COMPACT_ATOMS: atom_id res chain seq x y z
N ARG A 5 11.14 -21.13 1.99
CA ARG A 5 11.04 -21.21 3.49
C ARG A 5 12.25 -21.90 4.10
N ASN A 6 13.07 -21.10 4.79
CA ASN A 6 14.30 -21.55 5.39
C ASN A 6 14.44 -20.98 6.78
N LEU A 7 14.77 -21.86 7.74
CA LEU A 7 14.89 -21.49 9.15
C LEU A 7 15.81 -20.29 9.37
N ARG A 8 16.93 -20.27 8.64
CA ARG A 8 17.93 -19.23 8.80
C ARG A 8 17.35 -17.86 8.37
N ASP A 9 16.74 -17.84 7.19
N ASP A 9 16.74 -17.83 7.18
CA ASP A 9 16.09 -16.63 6.68
CA ASP A 9 16.06 -16.66 6.64
C ASP A 9 14.90 -16.25 7.57
C ASP A 9 14.90 -16.26 7.56
N LEU A 10 14.08 -17.24 7.95
CA LEU A 10 12.94 -17.02 8.83
C LEU A 10 13.35 -16.24 10.07
N LEU A 11 14.45 -16.67 10.70
CA LEU A 11 14.89 -16.14 11.97
C LEU A 11 15.87 -14.96 11.90
N ALA A 12 16.32 -14.63 10.69
CA ALA A 12 17.31 -13.57 10.47
C ALA A 12 17.06 -12.26 11.23
N PRO A 13 15.81 -11.73 11.30
CA PRO A 13 15.56 -10.51 12.07
C PRO A 13 15.85 -10.63 13.56
N TRP A 14 15.72 -11.84 14.11
CA TRP A 14 15.81 -12.08 15.56
C TRP A 14 17.04 -12.86 16.02
N VAL A 15 17.39 -13.91 15.27
CA VAL A 15 18.49 -14.82 15.60
C VAL A 15 19.46 -14.89 14.42
N PRO A 16 20.63 -14.21 14.49
CA PRO A 16 21.55 -14.16 13.36
C PRO A 16 22.22 -15.51 13.02
N ASP A 17 22.47 -16.33 14.06
CA ASP A 17 23.28 -17.54 13.91
C ASP A 17 22.51 -18.76 13.42
N ALA A 18 21.17 -18.67 13.40
CA ALA A 18 20.27 -19.79 13.13
C ALA A 18 20.73 -20.67 11.98
N PRO A 19 20.70 -22.02 12.14
CA PRO A 19 21.04 -22.94 11.04
C PRO A 19 20.12 -22.87 9.84
N SER A 20 20.69 -23.18 8.67
CA SER A 20 19.95 -23.29 7.43
C SER A 20 19.22 -24.64 7.34
N ARG A 21 17.88 -24.58 7.19
CA ARG A 21 17.01 -25.74 7.07
C ARG A 21 15.82 -25.39 6.22
N ALA A 22 15.52 -26.21 5.21
CA ALA A 22 14.29 -26.08 4.44
C ALA A 22 13.13 -26.50 5.33
N LEU A 23 12.05 -25.71 5.27
CA LEU A 23 10.88 -25.89 6.12
C LEU A 23 9.68 -26.04 5.22
N ARG A 24 8.75 -26.91 5.62
CA ARG A 24 7.54 -27.18 4.88
C ARG A 24 6.42 -26.26 5.40
N GLU A 25 5.71 -26.69 6.45
CA GLU A 25 4.64 -25.91 7.05
C GLU A 25 5.03 -25.53 8.46
N MET A 26 4.25 -24.61 9.04
CA MET A 26 4.46 -24.14 10.38
C MET A 26 3.23 -24.57 11.14
N THR A 27 3.42 -25.27 12.27
CA THR A 27 2.32 -25.75 13.07
C THR A 27 2.63 -25.67 14.57
N LEU A 28 1.59 -25.38 15.36
CA LEU A 28 1.64 -25.39 16.82
C LEU A 28 1.19 -26.72 17.38
N ASP A 29 0.67 -27.60 16.52
CA ASP A 29 0.09 -28.87 16.95
C ASP A 29 1.01 -30.03 16.56
N SER A 30 1.66 -30.61 17.58
CA SER A 30 2.59 -31.75 17.41
C SER A 30 1.95 -32.96 16.74
N ARG A 31 0.65 -33.14 16.96
CA ARG A 31 -0.09 -34.28 16.40
C ARG A 31 -0.06 -34.29 14.87
N VAL A 32 -0.19 -33.11 14.25
CA VAL A 32 -0.14 -32.99 12.79
C VAL A 32 1.24 -32.64 12.25
N ALA A 33 2.20 -32.38 13.16
CA ALA A 33 3.58 -32.08 12.79
C ALA A 33 4.19 -33.22 12.01
N ALA A 34 4.52 -32.95 10.73
CA ALA A 34 5.03 -33.95 9.79
C ALA A 34 6.45 -33.63 9.32
N ALA A 35 7.05 -34.59 8.59
CA ALA A 35 8.40 -34.46 8.04
C ALA A 35 8.58 -33.11 7.36
N GLY A 36 9.65 -32.41 7.75
CA GLY A 36 10.02 -31.13 7.15
C GLY A 36 9.36 -29.90 7.76
N ASP A 37 8.40 -30.10 8.68
CA ASP A 37 7.70 -29.00 9.34
C ASP A 37 8.57 -28.23 10.33
N LEU A 38 8.15 -27.00 10.60
CA LEU A 38 8.61 -26.23 11.73
C LEU A 38 7.51 -26.36 12.77
N PHE A 39 7.85 -27.00 13.89
CA PHE A 39 6.95 -27.08 15.03
C PHE A 39 7.28 -25.92 15.95
N VAL A 40 6.25 -25.19 16.38
CA VAL A 40 6.40 -24.06 17.26
C VAL A 40 5.75 -24.46 18.56
N ALA A 41 6.54 -24.49 19.64
CA ALA A 41 6.14 -25.03 20.91
C ALA A 41 5.88 -23.86 21.82
N VAL A 42 4.61 -23.59 22.10
CA VAL A 42 4.21 -22.43 22.89
C VAL A 42 3.67 -22.86 24.25
N VAL A 43 3.68 -21.92 25.19
CA VAL A 43 3.05 -22.10 26.49
C VAL A 43 1.74 -21.33 26.45
N GLY A 44 0.63 -22.03 26.67
CA GLY A 44 -0.71 -21.49 26.61
C GLY A 44 -1.38 -21.69 27.95
N HIS A 45 -2.70 -21.48 28.02
CA HIS A 45 -3.44 -21.68 29.27
C HIS A 45 -3.56 -23.18 29.58
N GLN A 46 -2.85 -23.62 30.62
CA GLN A 46 -2.76 -25.02 31.06
C GLN A 46 -2.21 -26.02 30.02
N ALA A 47 -1.48 -25.51 29.01
CA ALA A 47 -0.86 -26.31 27.95
C ALA A 47 0.57 -25.83 27.66
N ASP A 48 1.52 -26.77 27.54
CA ASP A 48 2.92 -26.45 27.25
C ASP A 48 3.43 -27.33 26.11
N GLY A 49 3.56 -26.71 24.92
CA GLY A 49 3.99 -27.38 23.70
C GLY A 49 5.39 -27.97 23.74
N ARG A 50 6.24 -27.45 24.62
CA ARG A 50 7.61 -27.96 24.79
C ARG A 50 7.61 -29.44 25.22
N ARG A 51 6.64 -29.81 26.05
CA ARG A 51 6.41 -31.21 26.44
C ARG A 51 6.39 -32.13 25.22
N TYR A 52 5.86 -31.63 24.08
CA TYR A 52 5.71 -32.43 22.86
C TYR A 52 6.85 -32.30 21.83
N ILE A 53 8.00 -31.76 22.26
CA ILE A 53 9.18 -31.64 21.41
C ILE A 53 9.72 -33.00 20.98
N PRO A 54 9.87 -33.98 21.90
CA PRO A 54 10.33 -35.33 21.51
C PRO A 54 9.42 -36.01 20.49
N GLN A 55 8.10 -35.91 20.69
CA GLN A 55 7.12 -36.42 19.71
C GLN A 55 7.33 -35.83 18.32
N ALA A 56 7.36 -34.49 18.24
CA ALA A 56 7.58 -33.74 17.00
C ALA A 56 8.88 -34.15 16.28
N ILE A 57 9.96 -34.27 17.05
CA ILE A 57 11.23 -34.75 16.54
C ILE A 57 11.08 -36.16 15.95
N ALA A 58 10.45 -37.06 16.72
CA ALA A 58 10.17 -38.43 16.29
C ALA A 58 9.33 -38.51 15.01
N GLN A 59 8.48 -37.49 14.79
CA GLN A 59 7.68 -37.38 13.57
C GLN A 59 8.44 -36.68 12.43
N GLY A 60 9.69 -36.29 12.69
CA GLY A 60 10.61 -35.79 11.67
C GLY A 60 10.51 -34.33 11.28
N VAL A 61 10.10 -33.47 12.23
CA VAL A 61 10.06 -32.04 11.97
C VAL A 61 11.49 -31.58 11.64
N ALA A 62 11.62 -30.66 10.68
CA ALA A 62 12.92 -30.07 10.34
C ALA A 62 13.51 -29.22 11.46
N ALA A 63 12.65 -28.53 12.22
CA ALA A 63 13.11 -27.61 13.25
C ALA A 63 11.99 -27.24 14.19
N ILE A 64 12.38 -26.63 15.31
CA ILE A 64 11.49 -26.26 16.36
C ILE A 64 11.89 -24.89 16.88
N ILE A 65 10.87 -24.05 17.12
CA ILE A 65 11.01 -22.78 17.82
C ILE A 65 10.15 -22.90 19.08
N ALA A 66 10.74 -22.57 20.23
CA ALA A 66 10.16 -22.87 21.53
C ALA A 66 10.21 -21.69 22.49
N GLU A 67 9.22 -21.63 23.39
CA GLU A 67 9.20 -20.64 24.45
C GLU A 67 10.43 -20.81 25.32
N ALA A 68 11.14 -19.70 25.57
CA ALA A 68 12.37 -19.68 26.36
C ALA A 68 12.12 -19.65 27.89
N LYS A 69 10.95 -19.15 28.30
CA LYS A 69 10.56 -18.99 29.71
C LYS A 69 10.97 -20.22 30.53
N ASP A 70 11.85 -20.01 31.51
CA ASP A 70 12.33 -21.03 32.46
C ASP A 70 13.35 -22.03 31.90
N GLU A 71 13.40 -22.18 30.58
CA GLU A 71 14.17 -23.22 29.93
C GLU A 71 15.46 -22.71 29.32
N ALA A 72 15.42 -21.52 28.72
CA ALA A 72 16.56 -21.02 27.96
C ALA A 72 16.55 -19.51 27.85
N THR A 73 17.64 -18.96 27.31
CA THR A 73 17.75 -17.55 27.03
C THR A 73 17.26 -17.27 25.60
N ASP A 74 16.80 -16.03 25.38
CA ASP A 74 16.23 -15.62 24.09
C ASP A 74 17.31 -15.70 23.02
N GLY A 75 17.00 -16.38 21.92
CA GLY A 75 17.93 -16.57 20.83
C GLY A 75 18.77 -17.82 20.95
N GLU A 76 18.59 -18.56 22.05
CA GLU A 76 19.40 -19.74 22.32
C GLU A 76 19.12 -20.83 21.31
N ILE A 77 20.18 -21.22 20.59
CA ILE A 77 20.13 -22.32 19.63
C ILE A 77 20.66 -23.59 20.28
N ARG A 78 19.79 -24.61 20.38
CA ARG A 78 20.15 -25.94 20.83
C ARG A 78 19.88 -26.91 19.69
N GLU A 79 20.20 -28.17 19.93
CA GLU A 79 20.15 -29.22 18.93
C GLU A 79 19.79 -30.51 19.68
N MET A 80 18.70 -31.15 19.25
CA MET A 80 18.19 -32.39 19.87
C MET A 80 17.95 -33.38 18.74
N HIS A 81 18.70 -34.50 18.76
CA HIS A 81 18.65 -35.54 17.73
C HIS A 81 18.89 -35.00 16.32
N GLY A 82 19.80 -34.02 16.23
CA GLY A 82 20.15 -33.34 15.00
C GLY A 82 19.09 -32.40 14.47
N VAL A 83 18.12 -32.05 15.33
CA VAL A 83 17.07 -31.09 14.98
C VAL A 83 17.34 -29.79 15.73
N PRO A 84 17.45 -28.64 15.02
CA PRO A 84 17.63 -27.36 15.70
C PRO A 84 16.38 -27.00 16.51
N VAL A 85 16.59 -26.58 17.76
CA VAL A 85 15.55 -26.12 18.67
C VAL A 85 15.98 -24.73 19.08
N ILE A 86 15.26 -23.72 18.59
CA ILE A 86 15.60 -22.33 18.84
C ILE A 86 14.59 -21.74 19.81
N TYR A 87 15.10 -21.16 20.90
CA TYR A 87 14.27 -20.64 21.97
C TYR A 87 14.12 -19.14 21.83
N LEU A 88 12.87 -18.68 21.97
CA LEU A 88 12.53 -17.26 21.85
C LEU A 88 11.70 -16.90 23.07
N SER A 89 12.00 -15.75 23.68
N SER A 89 12.00 -15.74 23.67
CA SER A 89 11.23 -15.18 24.77
CA SER A 89 11.23 -15.20 24.77
C SER A 89 9.97 -14.54 24.20
C SER A 89 9.97 -14.53 24.21
N GLN A 90 8.88 -14.59 24.99
CA GLN A 90 7.60 -13.97 24.64
C GLN A 90 7.12 -14.45 23.27
N LEU A 91 7.21 -15.76 23.05
CA LEU A 91 6.93 -16.37 21.77
C LEU A 91 5.48 -16.12 21.34
N ASN A 92 4.55 -16.13 22.30
CA ASN A 92 3.13 -15.83 22.05
C ASN A 92 2.95 -14.44 21.44
N GLU A 93 3.74 -13.48 21.92
CA GLU A 93 3.71 -12.09 21.46
C GLU A 93 4.24 -11.96 20.03
N ARG A 94 5.22 -12.80 19.69
CA ARG A 94 5.97 -12.71 18.44
C ARG A 94 5.51 -13.68 17.39
N LEU A 95 4.57 -14.56 17.75
CA LEU A 95 4.10 -15.60 16.83
C LEU A 95 3.54 -15.02 15.52
N SER A 96 2.75 -13.94 15.62
CA SER A 96 2.21 -13.30 14.42
C SER A 96 3.33 -12.84 13.45
N ALA A 97 4.35 -12.16 13.99
CA ALA A 97 5.48 -11.69 13.17
C ALA A 97 6.23 -12.87 12.55
N LEU A 98 6.41 -13.92 13.35
CA LEU A 98 7.13 -15.11 12.93
C LEU A 98 6.39 -15.77 11.76
N ALA A 99 5.09 -15.98 11.93
CA ALA A 99 4.26 -16.57 10.88
C ALA A 99 4.15 -15.64 9.65
N GLY A 100 4.03 -14.34 9.88
CA GLY A 100 4.04 -13.34 8.81
C GLY A 100 5.22 -13.51 7.88
N ARG A 101 6.42 -13.60 8.46
CA ARG A 101 7.64 -13.79 7.70
C ARG A 101 7.64 -15.13 7.00
N PHE A 102 7.23 -16.18 7.71
CA PHE A 102 7.18 -17.54 7.17
C PHE A 102 6.31 -17.58 5.91
N TYR A 103 5.17 -16.88 5.94
CA TYR A 103 4.20 -16.89 4.84
C TYR A 103 4.34 -15.71 3.87
N HIS A 104 5.50 -15.03 3.93
CA HIS A 104 5.87 -13.99 2.98
C HIS A 104 4.99 -12.76 3.08
N GLU A 105 4.66 -12.37 4.30
CA GLU A 105 4.01 -11.10 4.62
C GLU A 105 2.75 -10.86 3.78
N PRO A 106 1.73 -11.73 3.89
CA PRO A 106 0.51 -11.59 3.08
C PRO A 106 -0.20 -10.24 3.22
N SER A 107 -0.15 -9.64 4.41
CA SER A 107 -0.79 -8.34 4.59
C SER A 107 -0.10 -7.16 3.90
N ASP A 108 1.13 -7.39 3.42
CA ASP A 108 1.87 -6.43 2.60
C ASP A 108 1.62 -6.66 1.11
N ASN A 109 0.88 -7.71 0.77
CA ASN A 109 0.57 -8.05 -0.62
C ASN A 109 -0.90 -8.04 -0.96
N LEU A 110 -1.71 -7.46 -0.06
CA LEU A 110 -3.09 -7.10 -0.35
C LEU A 110 -3.45 -5.97 0.58
N ARG A 111 -4.61 -5.33 0.34
N ARG A 111 -4.61 -5.33 0.35
CA ARG A 111 -5.12 -4.24 1.17
CA ARG A 111 -5.12 -4.25 1.16
C ARG A 111 -6.00 -4.86 2.23
C ARG A 111 -6.00 -4.86 2.23
N LEU A 112 -5.51 -4.86 3.47
CA LEU A 112 -6.19 -5.49 4.59
C LEU A 112 -6.89 -4.43 5.43
N VAL A 113 -8.20 -4.59 5.62
CA VAL A 113 -8.96 -3.71 6.47
C VAL A 113 -9.53 -4.55 7.59
N GLY A 114 -9.27 -4.12 8.83
CA GLY A 114 -9.75 -4.77 10.02
C GLY A 114 -10.96 -4.02 10.55
N VAL A 115 -11.95 -4.76 11.03
CA VAL A 115 -13.14 -4.16 11.65
C VAL A 115 -13.25 -4.74 13.05
N THR A 116 -13.31 -3.85 14.05
CA THR A 116 -13.48 -4.24 15.45
C THR A 116 -14.72 -3.54 16.03
N GLY A 117 -15.25 -4.10 17.12
CA GLY A 117 -16.45 -3.61 17.77
C GLY A 117 -17.34 -4.76 18.16
N THR A 118 -18.36 -4.48 18.96
CA THR A 118 -19.23 -5.53 19.47
C THR A 118 -20.22 -5.98 18.38
N ASN A 119 -20.77 -5.02 17.64
CA ASN A 119 -21.79 -5.26 16.62
C ASN A 119 -21.37 -4.72 15.27
N GLY A 120 -21.99 -5.25 14.22
CA GLY A 120 -21.82 -4.76 12.86
C GLY A 120 -20.53 -5.11 12.16
N LYS A 121 -19.73 -5.99 12.78
N LYS A 121 -19.75 -6.00 12.77
CA LYS A 121 -18.45 -6.40 12.18
CA LYS A 121 -18.45 -6.44 12.26
C LYS A 121 -18.66 -7.19 10.92
C LYS A 121 -18.64 -7.21 10.95
N THR A 122 -19.57 -8.17 10.97
CA THR A 122 -19.80 -9.05 9.82
C THR A 122 -20.32 -8.27 8.65
N THR A 123 -21.33 -7.43 8.90
CA THR A 123 -21.93 -6.63 7.86
C THR A 123 -20.93 -5.65 7.29
N THR A 124 -20.22 -4.94 8.15
CA THR A 124 -19.27 -3.92 7.68
C THR A 124 -18.15 -4.57 6.84
N THR A 125 -17.63 -5.70 7.32
CA THR A 125 -16.64 -6.48 6.57
C THR A 125 -17.19 -6.90 5.20
N GLN A 126 -18.44 -7.39 5.17
N GLN A 126 -18.44 -7.40 5.17
CA GLN A 126 -19.05 -7.83 3.91
CA GLN A 126 -19.04 -7.84 3.91
C GLN A 126 -19.19 -6.68 2.93
C GLN A 126 -19.19 -6.68 2.92
N LEU A 127 -19.59 -5.51 3.44
CA LEU A 127 -19.76 -4.32 2.63
C LEU A 127 -18.42 -3.82 2.05
N LEU A 128 -17.37 -3.82 2.89
CA LEU A 128 -16.02 -3.42 2.49
C LEU A 128 -15.57 -4.34 1.35
N ALA A 129 -15.69 -5.65 1.56
CA ALA A 129 -15.29 -6.63 0.54
C ALA A 129 -16.08 -6.48 -0.77
N GLN A 130 -17.41 -6.33 -0.68
CA GLN A 130 -18.29 -6.12 -1.85
C GLN A 130 -17.98 -4.85 -2.60
N TRP A 131 -17.89 -3.74 -1.87
CA TRP A 131 -17.73 -2.43 -2.47
C TRP A 131 -16.37 -2.31 -3.19
N SER A 132 -15.31 -2.74 -2.50
CA SER A 132 -13.98 -2.76 -3.09
C SER A 132 -13.97 -3.63 -4.36
N GLN A 133 -14.66 -4.77 -4.33
CA GLN A 133 -14.71 -5.65 -5.49
C GLN A 133 -15.48 -5.01 -6.65
N LEU A 134 -16.57 -4.30 -6.33
CA LEU A 134 -17.31 -3.50 -7.31
C LEU A 134 -16.43 -2.47 -7.98
N LEU A 135 -15.41 -1.99 -7.27
CA LEU A 135 -14.46 -1.02 -7.82
C LEU A 135 -13.21 -1.66 -8.45
N GLY A 136 -13.18 -2.99 -8.56
CA GLY A 136 -12.16 -3.70 -9.32
C GLY A 136 -11.16 -4.58 -8.56
N GLU A 137 -11.22 -4.55 -7.22
CA GLU A 137 -10.43 -5.49 -6.42
C GLU A 137 -10.97 -6.90 -6.57
N ILE A 138 -10.12 -7.90 -6.29
CA ILE A 138 -10.55 -9.26 -6.01
C ILE A 138 -10.57 -9.35 -4.48
N SER A 139 -11.78 -9.33 -3.91
CA SER A 139 -11.93 -9.15 -2.47
C SER A 139 -12.21 -10.45 -1.75
N ALA A 140 -11.86 -10.49 -0.47
CA ALA A 140 -12.02 -11.65 0.39
C ALA A 140 -12.45 -11.17 1.76
N VAL A 141 -12.94 -12.11 2.57
CA VAL A 141 -13.34 -11.83 3.93
C VAL A 141 -12.75 -12.86 4.83
N MET A 142 -12.44 -12.43 6.06
CA MET A 142 -12.11 -13.33 7.14
C MET A 142 -12.94 -12.89 8.32
N GLY A 143 -13.80 -13.80 8.79
CA GLY A 143 -14.66 -13.51 9.91
C GLY A 143 -15.44 -14.71 10.41
N THR A 144 -16.50 -14.40 11.15
CA THR A 144 -17.25 -15.38 11.92
C THR A 144 -17.99 -16.37 11.00
N VAL A 145 -18.55 -15.87 9.89
CA VAL A 145 -19.17 -16.70 8.85
C VAL A 145 -18.15 -17.64 8.19
N GLY A 146 -16.89 -17.19 8.08
CA GLY A 146 -15.79 -17.97 7.52
C GLY A 146 -14.79 -17.12 6.75
N ASN A 147 -13.85 -17.79 6.06
CA ASN A 147 -12.81 -17.16 5.26
C ASN A 147 -12.94 -17.55 3.79
N GLY A 148 -12.59 -16.63 2.89
CA GLY A 148 -12.55 -16.91 1.47
C GLY A 148 -12.76 -15.71 0.60
N LEU A 149 -12.44 -15.88 -0.69
CA LEU A 149 -12.81 -14.92 -1.70
C LEU A 149 -14.33 -14.75 -1.65
N LEU A 150 -14.79 -13.57 -2.05
CA LEU A 150 -16.21 -13.22 -2.00
C LEU A 150 -17.07 -14.24 -2.77
N GLY A 151 -18.15 -14.70 -2.13
CA GLY A 151 -19.02 -15.75 -2.67
C GLY A 151 -18.48 -17.17 -2.51
N LYS A 152 -17.31 -17.32 -1.85
CA LYS A 152 -16.61 -18.59 -1.71
C LYS A 152 -16.07 -18.75 -0.30
N VAL A 153 -16.83 -18.26 0.67
CA VAL A 153 -16.41 -18.18 2.07
C VAL A 153 -16.69 -19.50 2.77
N ILE A 154 -15.63 -20.20 3.19
CA ILE A 154 -15.76 -21.50 3.85
C ILE A 154 -15.66 -21.35 5.36
N PRO A 155 -16.57 -21.94 6.17
CA PRO A 155 -16.55 -21.79 7.63
C PRO A 155 -15.27 -22.22 8.35
N GLY A 161 -8.24 -20.68 16.17
CA GLY A 161 -7.51 -19.94 15.14
C GLY A 161 -6.42 -19.04 15.72
N SER A 162 -5.18 -19.54 15.71
CA SER A 162 -4.02 -18.84 16.26
C SER A 162 -3.47 -17.74 15.35
N ALA A 163 -2.45 -17.04 15.83
CA ALA A 163 -1.68 -16.09 15.00
C ALA A 163 -1.08 -16.73 13.75
N VAL A 164 -0.72 -18.02 13.84
CA VAL A 164 -0.21 -18.78 12.70
C VAL A 164 -1.33 -19.00 11.69
N ASP A 165 -2.48 -19.49 12.17
CA ASP A 165 -3.65 -19.71 11.29
C ASP A 165 -4.06 -18.46 10.54
N VAL A 166 -4.04 -17.31 11.23
CA VAL A 166 -4.41 -16.04 10.59
C VAL A 166 -3.52 -15.73 9.41
N GLN A 167 -2.19 -15.82 9.61
CA GLN A 167 -1.24 -15.48 8.57
C GLN A 167 -1.34 -16.48 7.44
N HIS A 168 -1.44 -17.76 7.79
CA HIS A 168 -1.57 -18.85 6.82
C HIS A 168 -2.82 -18.63 5.94
N GLU A 169 -3.96 -18.36 6.57
CA GLU A 169 -5.20 -18.14 5.81
C GLU A 169 -5.08 -16.94 4.88
N LEU A 170 -4.47 -15.85 5.38
CA LEU A 170 -4.30 -14.64 4.59
C LEU A 170 -3.39 -14.94 3.38
N ALA A 171 -2.36 -15.77 3.60
CA ALA A 171 -1.47 -16.22 2.53
C ALA A 171 -2.22 -17.05 1.50
N GLY A 172 -3.07 -17.96 1.99
CA GLY A 172 -3.99 -18.69 1.14
C GLY A 172 -4.78 -17.78 0.21
N LEU A 173 -5.35 -16.72 0.79
CA LEU A 173 -6.13 -15.75 0.01
C LEU A 173 -5.25 -14.98 -0.98
N VAL A 174 -4.03 -14.60 -0.57
CA VAL A 174 -3.10 -13.92 -1.48
C VAL A 174 -2.82 -14.85 -2.67
N ASP A 175 -2.67 -16.15 -2.38
CA ASP A 175 -2.39 -17.14 -3.43
C ASP A 175 -3.53 -17.34 -4.39
N GLN A 176 -4.77 -17.19 -3.90
CA GLN A 176 -5.96 -17.28 -4.74
C GLN A 176 -6.25 -16.02 -5.58
N GLY A 177 -5.40 -14.98 -5.44
CA GLY A 177 -5.52 -13.73 -6.20
C GLY A 177 -6.16 -12.51 -5.48
N ALA A 178 -6.54 -12.70 -4.22
CA ALA A 178 -7.14 -11.62 -3.45
C ALA A 178 -6.21 -10.39 -3.42
N THR A 179 -6.78 -9.21 -3.69
CA THR A 179 -6.07 -7.94 -3.58
C THR A 179 -6.60 -7.08 -2.44
N PHE A 180 -7.70 -7.52 -1.81
CA PHE A 180 -8.37 -6.79 -0.74
C PHE A 180 -8.94 -7.83 0.20
N CYS A 181 -8.78 -7.63 1.50
CA CYS A 181 -9.40 -8.50 2.48
C CYS A 181 -9.95 -7.68 3.63
N ALA A 182 -11.23 -7.94 3.93
CA ALA A 182 -11.92 -7.35 5.06
C ALA A 182 -11.99 -8.40 6.15
N MET A 183 -11.41 -8.07 7.30
CA MET A 183 -11.22 -8.98 8.40
C MET A 183 -11.94 -8.49 9.64
N GLU A 184 -12.76 -9.38 10.23
CA GLU A 184 -13.30 -9.16 11.55
C GLU A 184 -12.19 -9.41 12.55
N VAL A 185 -11.96 -8.45 13.45
CA VAL A 185 -10.99 -8.61 14.52
C VAL A 185 -11.75 -8.57 15.84
N SER A 186 -11.75 -9.72 16.54
CA SER A 186 -12.37 -9.84 17.86
C SER A 186 -11.50 -9.20 18.93
N SER A 187 -12.15 -8.64 19.96
CA SER A 187 -11.47 -8.11 21.11
C SER A 187 -10.51 -9.17 21.69
N HIS A 188 -10.97 -10.43 21.68
CA HIS A 188 -10.21 -11.55 22.20
C HIS A 188 -8.99 -11.91 21.34
N GLY A 189 -9.17 -11.90 20.02
CA GLY A 189 -8.07 -12.08 19.07
C GLY A 189 -6.96 -11.05 19.28
N LEU A 190 -7.37 -9.78 19.45
CA LEU A 190 -6.44 -8.68 19.62
C LEU A 190 -5.62 -8.86 20.89
N VAL A 191 -6.31 -9.16 22.01
CA VAL A 191 -5.67 -9.33 23.30
C VAL A 191 -4.65 -10.48 23.27
N GLN A 192 -4.99 -11.56 22.55
CA GLN A 192 -4.15 -12.73 22.44
C GLN A 192 -3.09 -12.64 21.32
N HIS A 193 -2.87 -11.43 20.79
CA HIS A 193 -1.85 -11.14 19.81
C HIS A 193 -1.98 -11.93 18.52
N ARG A 194 -3.22 -12.28 18.17
CA ARG A 194 -3.51 -13.05 16.96
C ARG A 194 -3.36 -12.25 15.66
N VAL A 195 -3.40 -10.92 15.75
CA VAL A 195 -3.19 -10.08 14.56
C VAL A 195 -2.04 -9.09 14.75
N ALA A 196 -1.17 -9.39 15.72
CA ALA A 196 -0.13 -8.48 16.16
C ALA A 196 0.77 -7.90 15.04
N ALA A 197 1.13 -8.70 14.03
CA ALA A 197 2.04 -8.25 12.98
C ALA A 197 1.38 -7.94 11.63
N LEU A 198 0.05 -7.91 11.60
CA LEU A 198 -0.65 -7.63 10.34
C LEU A 198 -0.56 -6.16 10.04
N LYS A 199 -0.24 -5.85 8.79
CA LYS A 199 -0.25 -4.48 8.30
C LYS A 199 -1.67 -4.14 7.82
N PHE A 200 -2.46 -3.54 8.70
CA PHE A 200 -3.80 -3.06 8.34
C PHE A 200 -3.68 -1.75 7.57
N ALA A 201 -4.28 -1.71 6.37
CA ALA A 201 -4.43 -0.47 5.60
C ALA A 201 -5.38 0.46 6.31
N ALA A 202 -6.35 -0.12 6.99
CA ALA A 202 -7.34 0.66 7.73
C ALA A 202 -7.93 -0.20 8.83
N SER A 203 -8.37 0.45 9.91
CA SER A 203 -9.01 -0.21 11.05
C SER A 203 -10.29 0.57 11.32
N VAL A 204 -11.40 -0.17 11.42
CA VAL A 204 -12.72 0.41 11.54
C VAL A 204 -13.26 -0.01 12.89
N PHE A 205 -13.82 0.96 13.63
CA PHE A 205 -14.41 0.72 14.94
C PHE A 205 -15.93 1.03 14.83
N THR A 206 -16.76 -0.01 14.94
CA THR A 206 -18.21 0.12 14.81
C THR A 206 -18.72 0.67 16.15
N ASN A 207 -18.05 0.19 17.20
CA ASN A 207 -18.14 0.78 18.53
C ASN A 207 -16.83 0.49 19.35
N LEU A 208 -16.76 1.01 20.58
CA LEU A 208 -15.74 0.61 21.56
C LEU A 208 -16.40 0.43 22.97
N SER A 209 -17.72 0.27 22.98
CA SER A 209 -18.53 0.27 24.20
C SER A 209 -18.91 -1.16 24.59
N ARG A 210 -18.56 -1.52 25.83
CA ARG A 210 -18.89 -2.79 26.46
C ARG A 210 -19.71 -2.58 27.72
N ASP A 211 -20.42 -3.63 28.13
CA ASP A 211 -21.10 -3.67 29.41
C ASP A 211 -20.05 -3.83 30.51
N HIS A 212 -20.50 -3.68 31.77
CA HIS A 212 -19.71 -3.99 32.96
C HIS A 212 -18.60 -2.95 33.28
N LEU A 213 -18.75 -1.74 32.74
CA LEU A 213 -17.70 -0.70 32.88
C LEU A 213 -18.20 0.62 33.52
N ASP A 214 -19.19 0.50 34.40
CA ASP A 214 -19.81 1.63 35.09
C ASP A 214 -18.91 2.36 36.10
N TYR A 215 -17.99 1.62 36.73
CA TYR A 215 -16.96 2.22 37.60
C TYR A 215 -15.89 2.84 36.71
N HIS A 216 -15.54 4.10 37.00
CA HIS A 216 -14.64 4.87 36.12
C HIS A 216 -13.19 4.35 36.13
N GLY A 217 -12.78 3.69 37.23
CA GLY A 217 -11.51 2.98 37.28
C GLY A 217 -11.49 1.83 36.28
N ASP A 218 -12.60 1.09 36.21
CA ASP A 218 -12.77 -0.04 35.29
C ASP A 218 -12.77 0.43 33.83
N MET A 219 -13.54 1.47 33.52
CA MET A 219 -13.56 2.07 32.18
C MET A 219 -12.15 2.55 31.78
N GLU A 220 -11.41 3.09 32.76
CA GLU A 220 -10.05 3.57 32.56
C GLU A 220 -9.06 2.44 32.24
N HIS A 221 -9.13 1.33 32.99
CA HIS A 221 -8.25 0.19 32.75
C HIS A 221 -8.53 -0.47 31.42
N TYR A 222 -9.82 -0.62 31.08
CA TYR A 222 -10.26 -1.23 29.83
C TYR A 222 -9.72 -0.40 28.69
N GLU A 223 -10.01 0.90 28.72
CA GLU A 223 -9.51 1.83 27.72
C GLU A 223 -8.00 1.80 27.62
N ALA A 224 -7.30 1.79 28.76
CA ALA A 224 -5.83 1.81 28.81
C ALA A 224 -5.27 0.58 28.11
N ALA A 225 -5.79 -0.59 28.50
CA ALA A 225 -5.42 -1.84 27.88
C ALA A 225 -5.60 -1.78 26.37
N LYS A 226 -6.76 -1.26 25.92
CA LYS A 226 -7.06 -1.20 24.48
C LYS A 226 -6.18 -0.18 23.74
N TRP A 227 -5.94 0.96 24.37
CA TRP A 227 -5.09 1.99 23.77
C TRP A 227 -3.67 1.45 23.58
N LEU A 228 -3.18 0.74 24.59
CA LEU A 228 -1.86 0.12 24.59
C LEU A 228 -1.75 -0.84 23.40
N LEU A 229 -2.74 -1.74 23.27
CA LEU A 229 -2.82 -2.68 22.15
C LEU A 229 -2.82 -1.98 20.81
N TYR A 230 -3.66 -0.94 20.71
CA TYR A 230 -3.78 -0.12 19.49
C TYR A 230 -2.45 0.49 19.08
N SER A 231 -1.74 1.07 20.07
CA SER A 231 -0.45 1.72 19.84
C SER A 231 0.62 0.74 19.34
N GLU A 232 0.44 -0.55 19.64
CA GLU A 232 1.39 -1.58 19.25
C GLU A 232 1.12 -2.16 17.87
N HIS A 233 -0.10 -1.99 17.36
CA HIS A 233 -0.47 -2.55 16.07
C HIS A 233 -0.23 -1.54 14.95
N HIS A 234 -0.10 -2.05 13.73
CA HIS A 234 -0.12 -1.24 12.52
C HIS A 234 -1.58 -1.10 12.02
N CYS A 235 -2.28 -0.08 12.51
CA CYS A 235 -3.71 0.10 12.26
C CYS A 235 -4.05 0.79 10.95
N GLY A 236 -3.10 1.54 10.40
CA GLY A 236 -3.29 2.29 9.17
C GLY A 236 -4.31 3.39 9.43
N GLN A 237 -5.15 3.67 8.43
CA GLN A 237 -6.20 4.70 8.55
C GLN A 237 -7.23 4.23 9.59
N ALA A 238 -7.54 5.09 10.57
CA ALA A 238 -8.51 4.79 11.59
C ALA A 238 -9.87 5.44 11.23
N ILE A 239 -10.91 4.61 11.21
CA ILE A 239 -12.26 5.04 10.90
C ILE A 239 -13.09 4.63 12.08
N ILE A 240 -13.69 5.62 12.75
CA ILE A 240 -14.36 5.45 14.01
C ILE A 240 -15.79 5.99 14.01
N ASN A 241 -16.71 5.16 14.50
CA ASN A 241 -18.10 5.55 14.65
C ASN A 241 -18.24 6.55 15.78
N ALA A 242 -18.48 7.81 15.42
CA ALA A 242 -18.66 8.90 16.39
C ALA A 242 -20.00 8.86 17.13
N ASP A 243 -20.89 7.96 16.75
CA ASP A 243 -22.16 7.79 17.44
C ASP A 243 -22.00 6.89 18.66
N ASP A 244 -20.82 6.29 18.81
CA ASP A 244 -20.41 5.57 20.01
C ASP A 244 -19.67 6.52 20.96
N GLU A 245 -19.98 6.40 22.26
CA GLU A 245 -19.42 7.26 23.31
C GLU A 245 -17.91 7.09 23.44
N VAL A 246 -17.44 5.84 23.42
CA VAL A 246 -16.01 5.56 23.49
C VAL A 246 -15.36 6.01 22.18
N GLY A 247 -16.03 5.70 21.06
CA GLY A 247 -15.67 6.22 19.75
C GLY A 247 -15.31 7.70 19.75
N ARG A 248 -16.22 8.53 20.30
N ARG A 248 -16.21 8.53 20.31
CA ARG A 248 -15.99 9.99 20.40
CA ARG A 248 -15.98 9.99 20.40
C ARG A 248 -14.74 10.33 21.23
C ARG A 248 -14.74 10.33 21.23
N ARG A 249 -14.56 9.64 22.35
CA ARG A 249 -13.43 9.88 23.24
C ARG A 249 -12.11 9.65 22.54
N TRP A 250 -12.06 8.57 21.75
CA TRP A 250 -10.86 8.22 20.98
C TRP A 250 -10.62 9.20 19.83
N LEU A 251 -11.71 9.57 19.13
CA LEU A 251 -11.65 10.58 18.08
C LEU A 251 -11.03 11.91 18.54
N ALA A 252 -11.32 12.28 19.80
CA ALA A 252 -10.73 13.47 20.43
C ALA A 252 -9.21 13.39 20.53
N LYS A 253 -8.67 12.17 20.61
CA LYS A 253 -7.24 11.91 20.73
C LYS A 253 -6.54 11.57 19.41
N LEU A 254 -7.32 11.38 18.34
CA LEU A 254 -6.80 10.89 17.07
C LEU A 254 -7.15 11.88 15.95
N PRO A 255 -6.34 12.95 15.76
CA PRO A 255 -6.70 14.00 14.80
C PRO A 255 -6.72 13.53 13.37
N ASP A 256 -6.03 12.41 13.07
CA ASP A 256 -6.01 11.82 11.73
C ASP A 256 -7.08 10.76 11.46
N ALA A 257 -7.84 10.37 12.48
CA ALA A 257 -8.91 9.37 12.34
C ALA A 257 -10.10 10.04 11.66
N VAL A 258 -10.89 9.23 10.94
CA VAL A 258 -12.10 9.69 10.28
C VAL A 258 -13.31 9.48 11.19
N ALA A 259 -14.06 10.57 11.44
CA ALA A 259 -15.26 10.53 12.24
C ALA A 259 -16.48 10.25 11.34
N VAL A 260 -17.29 9.26 11.74
CA VAL A 260 -18.46 8.87 10.98
C VAL A 260 -19.66 8.97 11.93
N SER A 261 -20.70 9.68 11.49
CA SER A 261 -21.92 9.88 12.26
C SER A 261 -23.15 9.81 11.37
N MET A 262 -24.24 9.35 11.96
CA MET A 262 -25.58 9.56 11.38
C MET A 262 -26.51 10.22 12.39
N GLU A 263 -25.95 10.64 13.54
CA GLU A 263 -26.71 11.25 14.64
C GLU A 263 -26.15 12.59 15.10
N ASP A 264 -25.45 13.29 14.20
CA ASP A 264 -24.96 14.64 14.46
C ASP A 264 -23.80 14.79 15.48
N HIS A 265 -22.89 13.81 15.52
CA HIS A 265 -21.77 13.84 16.46
C HIS A 265 -20.41 14.26 15.88
N ILE A 266 -20.39 14.65 14.59
CA ILE A 266 -19.22 15.22 13.98
C ILE A 266 -19.03 16.59 14.60
N ASN A 267 -17.82 16.85 15.11
CA ASN A 267 -17.40 18.18 15.48
C ASN A 267 -16.57 18.84 14.38
N PRO A 268 -17.18 19.73 13.55
CA PRO A 268 -16.49 20.29 12.38
C PRO A 268 -15.33 21.25 12.72
N ASN A 269 -15.28 21.79 13.96
CA ASN A 269 -14.17 22.65 14.43
C ASN A 269 -12.79 21.98 14.37
N CYS A 270 -12.78 20.64 14.43
N CYS A 270 -12.77 20.64 14.44
CA CYS A 270 -11.54 19.88 14.43
CA CYS A 270 -11.53 19.88 14.42
C CYS A 270 -10.84 19.88 13.05
C CYS A 270 -10.84 19.88 13.05
N HIS A 271 -11.59 20.18 11.98
CA HIS A 271 -11.09 20.19 10.60
C HIS A 271 -10.51 18.81 10.18
N GLY A 272 -10.98 17.75 10.85
CA GLY A 272 -10.50 16.41 10.60
C GLY A 272 -11.25 15.93 9.37
N ARG A 273 -11.06 14.66 9.05
CA ARG A 273 -11.84 14.02 8.02
C ARG A 273 -13.10 13.47 8.68
N TRP A 274 -14.23 13.60 8.00
CA TRP A 274 -15.51 13.19 8.57
C TRP A 274 -16.49 12.85 7.48
N LEU A 275 -17.56 12.16 7.91
CA LEU A 275 -18.62 11.71 7.04
C LEU A 275 -19.87 11.58 7.92
N LYS A 276 -20.95 12.24 7.48
CA LYS A 276 -22.20 12.26 8.22
C LYS A 276 -23.39 12.17 7.30
N ALA A 277 -24.33 11.29 7.66
CA ALA A 277 -25.62 11.22 7.01
C ALA A 277 -26.35 12.44 7.54
N THR A 278 -26.86 13.26 6.64
CA THR A 278 -27.59 14.47 6.99
C THR A 278 -29.10 14.17 7.00
N GLU A 279 -29.53 13.27 6.12
CA GLU A 279 -30.91 12.79 6.15
C GLU A 279 -31.03 11.40 5.57
N VAL A 280 -31.85 10.58 6.23
CA VAL A 280 -32.12 9.22 5.80
C VAL A 280 -33.61 9.07 5.68
N ASN A 281 -34.07 8.66 4.49
CA ASN A 281 -35.43 8.18 4.31
C ASN A 281 -35.41 6.66 4.28
N TYR A 282 -36.00 6.06 5.31
CA TYR A 282 -36.21 4.62 5.37
C TYR A 282 -37.49 4.33 4.60
N HIS A 283 -37.37 3.59 3.49
CA HIS A 283 -38.50 3.29 2.64
C HIS A 283 -38.66 1.78 2.48
N ASP A 284 -39.58 1.38 1.59
CA ASP A 284 -40.09 0.03 1.57
C ASP A 284 -39.10 -0.95 0.96
N SER A 285 -38.03 -0.46 0.33
CA SER A 285 -37.00 -1.32 -0.28
C SER A 285 -35.56 -1.01 0.17
N GLY A 286 -35.42 -0.15 1.17
CA GLY A 286 -34.10 0.23 1.65
C GLY A 286 -34.11 1.60 2.27
N ALA A 287 -32.98 2.30 2.13
CA ALA A 287 -32.80 3.62 2.68
C ALA A 287 -32.12 4.51 1.67
N THR A 288 -32.60 5.74 1.59
CA THR A 288 -31.95 6.77 0.81
C THR A 288 -31.18 7.58 1.80
N ILE A 289 -29.85 7.62 1.61
CA ILE A 289 -28.94 8.23 2.56
C ILE A 289 -28.30 9.42 1.91
N ARG A 290 -28.64 10.60 2.43
CA ARG A 290 -28.00 11.85 2.02
C ARG A 290 -26.90 12.13 3.01
N PHE A 291 -25.70 12.41 2.49
CA PHE A 291 -24.52 12.59 3.33
C PHE A 291 -23.63 13.70 2.84
N SER A 292 -22.94 14.34 3.78
N SER A 292 -22.94 14.34 3.78
CA SER A 292 -21.81 15.22 3.49
CA SER A 292 -21.81 15.22 3.49
C SER A 292 -20.55 14.57 4.06
C SER A 292 -20.55 14.57 4.06
N SER A 293 -19.40 14.96 3.50
CA SER A 293 -18.11 14.47 3.92
C SER A 293 -17.01 15.38 3.43
N SER A 294 -15.83 15.24 4.04
CA SER A 294 -14.67 15.99 3.62
C SER A 294 -14.23 15.65 2.19
N TRP A 295 -14.76 14.57 1.62
CA TRP A 295 -14.51 14.17 0.24
C TRP A 295 -15.55 14.64 -0.78
N GLY A 296 -16.60 15.30 -0.31
CA GLY A 296 -17.74 15.65 -1.13
C GLY A 296 -19.03 15.02 -0.60
N ASP A 297 -20.15 15.50 -1.14
CA ASP A 297 -21.48 15.13 -0.70
C ASP A 297 -22.13 14.20 -1.70
N GLY A 298 -23.25 13.59 -1.30
CA GLY A 298 -23.86 12.59 -2.14
C GLY A 298 -25.15 12.04 -1.61
N GLU A 299 -25.71 11.10 -2.37
CA GLU A 299 -26.92 10.43 -2.00
C GLU A 299 -26.75 8.99 -2.46
N ILE A 300 -26.94 8.05 -1.52
CA ILE A 300 -26.81 6.61 -1.77
C ILE A 300 -28.18 5.97 -1.59
N GLU A 301 -28.51 5.04 -2.51
CA GLU A 301 -29.65 4.15 -2.39
C GLU A 301 -29.14 2.82 -1.89
N SER A 302 -29.28 2.61 -0.59
CA SER A 302 -28.92 1.37 0.05
C SER A 302 -30.11 0.44 -0.01
N HIS A 303 -29.85 -0.85 -0.27
CA HIS A 303 -30.85 -1.89 -0.23
C HIS A 303 -30.78 -2.68 1.08
N LEU A 304 -30.11 -2.11 2.09
CA LEU A 304 -30.04 -2.65 3.44
C LEU A 304 -31.08 -1.94 4.29
N MET A 305 -31.51 -2.62 5.35
CA MET A 305 -32.61 -2.20 6.20
C MET A 305 -32.13 -1.84 7.59
N GLY A 306 -32.70 -0.75 8.14
CA GLY A 306 -32.54 -0.37 9.53
C GLY A 306 -31.44 0.66 9.71
N ALA A 307 -31.44 1.32 10.86
CA ALA A 307 -30.48 2.38 11.15
C ALA A 307 -29.04 1.86 11.35
N PHE A 308 -28.90 0.72 12.01
CA PHE A 308 -27.61 0.09 12.25
C PHE A 308 -26.86 -0.17 10.92
N ASN A 309 -27.59 -0.62 9.90
CA ASN A 309 -27.01 -0.84 8.57
C ASN A 309 -26.68 0.43 7.79
N VAL A 310 -27.33 1.55 8.13
CA VAL A 310 -26.92 2.83 7.59
C VAL A 310 -25.52 3.13 8.16
N SER A 311 -25.37 2.99 9.49
CA SER A 311 -24.10 3.17 10.16
C SER A 311 -23.00 2.29 9.56
N ASN A 312 -23.28 0.99 9.42
CA ASN A 312 -22.34 0.06 8.83
C ASN A 312 -21.90 0.49 7.42
N LEU A 313 -22.87 0.90 6.59
N LEU A 313 -22.87 0.90 6.59
CA LEU A 313 -22.61 1.32 5.22
CA LEU A 313 -22.61 1.33 5.23
C LEU A 313 -21.73 2.57 5.20
C LEU A 313 -21.73 2.57 5.20
N LEU A 314 -22.07 3.57 6.04
CA LEU A 314 -21.29 4.80 6.15
C LEU A 314 -19.84 4.55 6.60
N LEU A 315 -19.67 3.59 7.52
CA LEU A 315 -18.35 3.22 7.98
C LEU A 315 -17.54 2.62 6.84
N ALA A 316 -18.16 1.74 6.05
CA ALA A 316 -17.49 1.14 4.91
C ALA A 316 -17.15 2.20 3.85
N LEU A 317 -18.08 3.14 3.63
CA LEU A 317 -17.87 4.26 2.69
C LEU A 317 -16.69 5.17 3.12
N ALA A 318 -16.71 5.61 4.38
CA ALA A 318 -15.66 6.44 4.94
C ALA A 318 -14.29 5.75 4.86
N THR A 319 -14.27 4.44 5.13
CA THR A 319 -13.06 3.63 5.02
C THR A 319 -12.50 3.63 3.60
N LEU A 320 -13.36 3.38 2.62
CA LEU A 320 -12.91 3.27 1.23
C LEU A 320 -12.49 4.64 0.70
N LEU A 321 -13.19 5.70 1.12
CA LEU A 321 -12.81 7.05 0.79
C LEU A 321 -11.42 7.37 1.35
N ALA A 322 -11.19 7.00 2.61
CA ALA A 322 -9.92 7.20 3.32
C ALA A 322 -8.76 6.49 2.65
N LEU A 323 -9.05 5.33 2.05
CA LEU A 323 -8.07 4.56 1.32
C LEU A 323 -7.86 5.05 -0.10
N GLY A 324 -8.65 6.06 -0.51
CA GLY A 324 -8.45 6.75 -1.77
C GLY A 324 -9.34 6.31 -2.92
N TYR A 325 -10.32 5.43 -2.66
CA TYR A 325 -11.27 5.06 -3.69
C TYR A 325 -12.13 6.29 -4.02
N PRO A 326 -12.34 6.61 -5.32
CA PRO A 326 -13.01 7.86 -5.67
C PRO A 326 -14.50 7.84 -5.30
N LEU A 327 -14.96 8.95 -4.71
CA LEU A 327 -16.34 9.10 -4.29
C LEU A 327 -17.30 8.75 -5.42
N ALA A 328 -17.06 9.33 -6.62
CA ALA A 328 -17.92 9.10 -7.76
C ALA A 328 -18.13 7.61 -8.07
N ASP A 329 -17.06 6.80 -8.01
CA ASP A 329 -17.18 5.37 -8.30
C ASP A 329 -17.86 4.60 -7.18
N LEU A 330 -17.73 5.09 -5.94
CA LEU A 330 -18.37 4.46 -4.80
C LEU A 330 -19.87 4.71 -4.91
N LEU A 331 -20.24 5.95 -5.25
CA LEU A 331 -21.64 6.33 -5.44
C LEU A 331 -22.33 5.51 -6.53
N LYS A 332 -21.62 5.28 -7.63
CA LYS A 332 -22.13 4.53 -8.78
C LYS A 332 -22.34 3.05 -8.50
N THR A 333 -21.73 2.55 -7.42
CA THR A 333 -21.75 1.13 -7.10
C THR A 333 -22.53 0.79 -5.83
N ALA A 334 -22.90 1.80 -5.04
CA ALA A 334 -23.55 1.59 -3.74
C ALA A 334 -24.86 0.77 -3.84
N ALA A 335 -25.59 0.95 -4.94
CA ALA A 335 -26.90 0.29 -5.13
C ALA A 335 -26.73 -1.24 -5.34
N ARG A 336 -25.50 -1.67 -5.65
CA ARG A 336 -25.21 -3.09 -5.81
C ARG A 336 -24.81 -3.81 -4.51
N LEU A 337 -24.63 -3.05 -3.43
CA LEU A 337 -24.30 -3.62 -2.13
C LEU A 337 -25.51 -4.44 -1.65
N GLN A 338 -25.23 -5.63 -1.15
CA GLN A 338 -26.29 -6.54 -0.72
C GLN A 338 -26.15 -6.82 0.77
N PRO A 339 -27.26 -7.21 1.44
CA PRO A 339 -27.18 -7.63 2.84
C PRO A 339 -26.48 -8.96 2.94
N VAL A 340 -26.03 -9.28 4.15
CA VAL A 340 -25.62 -10.64 4.47
C VAL A 340 -26.90 -11.47 4.34
N CYS A 341 -26.81 -12.57 3.60
CA CYS A 341 -27.95 -13.42 3.31
C CYS A 341 -28.70 -13.75 4.62
N GLY A 342 -30.02 -13.53 4.62
CA GLY A 342 -30.86 -13.81 5.78
C GLY A 342 -30.65 -12.88 6.97
N ARG A 343 -30.00 -11.73 6.74
CA ARG A 343 -29.86 -10.69 7.75
C ARG A 343 -30.56 -9.44 7.26
N MET A 344 -31.73 -9.15 7.85
CA MET A 344 -32.61 -8.06 7.43
C MET A 344 -32.65 -7.97 5.93
N GLU A 345 -32.81 -9.12 5.27
CA GLU A 345 -32.80 -9.21 3.85
C GLU A 345 -34.20 -8.89 3.32
N VAL A 346 -34.29 -7.83 2.50
CA VAL A 346 -35.56 -7.30 2.05
C VAL A 346 -36.00 -7.92 0.74
N PHE A 347 -37.30 -8.23 0.66
CA PHE A 347 -37.92 -8.77 -0.54
C PHE A 347 -39.09 -7.85 -0.88
N THR A 348 -39.03 -7.28 -2.08
CA THR A 348 -40.06 -6.41 -2.60
C THR A 348 -40.47 -6.92 -3.94
N ALA A 349 -41.73 -6.64 -4.29
CA ALA A 349 -42.24 -6.86 -5.62
C ALA A 349 -43.31 -5.80 -5.82
N PRO A 350 -43.51 -5.35 -7.08
CA PRO A 350 -44.49 -4.31 -7.39
C PRO A 350 -45.84 -4.54 -6.73
N GLY A 351 -46.29 -3.55 -5.96
CA GLY A 351 -47.61 -3.53 -5.36
C GLY A 351 -47.90 -4.56 -4.28
N LYS A 352 -46.84 -5.17 -3.71
CA LYS A 352 -46.98 -6.16 -2.63
C LYS A 352 -46.37 -5.60 -1.36
N PRO A 353 -46.69 -6.18 -0.18
CA PRO A 353 -46.04 -5.76 1.07
C PRO A 353 -44.55 -6.05 0.99
N THR A 354 -43.77 -5.24 1.70
CA THR A 354 -42.35 -5.47 1.88
C THR A 354 -42.20 -6.63 2.85
N VAL A 355 -41.36 -7.59 2.49
CA VAL A 355 -41.08 -8.70 3.39
C VAL A 355 -39.57 -8.73 3.71
N VAL A 356 -39.26 -8.82 5.01
CA VAL A 356 -37.89 -8.91 5.51
C VAL A 356 -37.70 -10.27 6.14
N VAL A 357 -36.68 -11.01 5.67
CA VAL A 357 -36.22 -12.24 6.30
C VAL A 357 -34.99 -11.95 7.17
N ASP A 358 -35.08 -12.33 8.44
CA ASP A 358 -33.99 -12.17 9.38
C ASP A 358 -33.88 -13.37 10.27
N TYR A 359 -32.64 -13.70 10.65
CA TYR A 359 -32.35 -14.88 11.44
C TYR A 359 -32.63 -14.72 12.94
N ALA A 360 -32.99 -13.50 13.35
CA ALA A 360 -33.33 -13.18 14.74
C ALA A 360 -34.13 -14.28 15.43
N HIS A 361 -33.49 -14.91 16.43
CA HIS A 361 -34.11 -16.00 17.19
C HIS A 361 -33.92 -15.90 18.70
N THR A 362 -33.63 -14.69 19.19
CA THR A 362 -33.57 -14.38 20.63
C THR A 362 -34.37 -13.12 20.89
N PRO A 363 -34.79 -12.85 22.15
CA PRO A 363 -35.57 -11.65 22.46
C PRO A 363 -34.93 -10.34 21.98
N ASP A 364 -33.64 -10.18 22.24
CA ASP A 364 -32.85 -9.02 21.84
C ASP A 364 -32.78 -8.84 20.33
N ALA A 365 -32.45 -9.91 19.61
CA ALA A 365 -32.35 -9.88 18.16
C ALA A 365 -33.70 -9.55 17.53
N LEU A 366 -34.78 -10.16 18.06
CA LEU A 366 -36.13 -9.95 17.53
C LEU A 366 -36.59 -8.52 17.73
N GLU A 367 -36.35 -8.00 18.93
CA GLU A 367 -36.63 -6.59 19.23
C GLU A 367 -35.92 -5.64 18.25
N LYS A 368 -34.62 -5.88 18.04
CA LYS A 368 -33.81 -5.04 17.15
C LYS A 368 -34.29 -5.11 15.71
N ALA A 369 -34.61 -6.33 15.25
CA ALA A 369 -35.11 -6.57 13.91
C ALA A 369 -36.44 -5.85 13.66
N LEU A 370 -37.35 -5.91 14.65
CA LEU A 370 -38.64 -5.24 14.56
C LEU A 370 -38.52 -3.72 14.55
N GLN A 371 -37.63 -3.19 15.41
CA GLN A 371 -37.38 -1.76 15.46
C GLN A 371 -36.80 -1.24 14.13
N ALA A 372 -35.89 -2.03 13.55
CA ALA A 372 -35.30 -1.72 12.26
C ALA A 372 -36.39 -1.74 11.17
N ALA A 373 -37.19 -2.81 11.15
CA ALA A 373 -38.28 -2.97 10.18
C ALA A 373 -39.31 -1.84 10.29
N ARG A 374 -39.64 -1.45 11.53
CA ARG A 374 -40.62 -0.38 11.77
C ARG A 374 -40.29 0.92 10.99
N LEU A 375 -38.99 1.25 10.93
CA LEU A 375 -38.53 2.47 10.24
C LEU A 375 -38.93 2.50 8.78
N HIS A 376 -39.00 1.33 8.15
CA HIS A 376 -39.36 1.21 6.75
C HIS A 376 -40.86 0.98 6.49
N CYS A 377 -41.67 1.04 7.54
CA CYS A 377 -43.03 0.54 7.52
C CYS A 377 -44.02 1.70 7.67
N ALA A 378 -44.69 2.05 6.57
CA ALA A 378 -45.73 3.09 6.55
C ALA A 378 -47.06 2.59 7.14
N GLY A 379 -47.36 1.32 6.91
CA GLY A 379 -48.59 0.71 7.37
C GLY A 379 -48.42 -0.04 8.67
N LYS A 380 -48.84 -1.31 8.68
CA LYS A 380 -48.68 -2.20 9.83
C LYS A 380 -47.45 -3.14 9.70
N LEU A 381 -46.77 -3.35 10.82
CA LEU A 381 -45.67 -4.28 10.93
C LEU A 381 -46.18 -5.65 11.42
N TRP A 382 -46.01 -6.67 10.58
CA TRP A 382 -46.28 -8.07 10.94
C TRP A 382 -44.99 -8.76 11.35
N CYS A 383 -45.09 -9.67 12.33
CA CYS A 383 -43.98 -10.51 12.77
C CYS A 383 -44.38 -11.98 12.78
N VAL A 384 -43.78 -12.75 11.87
CA VAL A 384 -43.99 -14.18 11.80
C VAL A 384 -42.78 -14.84 12.44
N PHE A 385 -43.02 -15.63 13.49
CA PHE A 385 -41.95 -16.25 14.22
C PHE A 385 -42.45 -17.42 15.06
N GLY A 386 -41.50 -18.25 15.49
CA GLY A 386 -41.68 -19.30 16.48
C GLY A 386 -40.38 -19.48 17.23
N CYS A 387 -40.31 -20.58 18.01
CA CYS A 387 -39.14 -20.90 18.80
C CYS A 387 -38.80 -22.37 18.66
N GLY A 388 -37.51 -22.67 18.80
CA GLY A 388 -36.98 -24.02 18.60
C GLY A 388 -37.49 -24.91 19.71
N GLY A 389 -37.82 -26.15 19.34
CA GLY A 389 -38.22 -27.16 20.30
C GLY A 389 -37.01 -27.91 20.82
N ASP A 390 -37.17 -28.56 21.99
CA ASP A 390 -36.09 -29.33 22.63
C ASP A 390 -34.83 -28.47 22.90
N ARG A 391 -35.09 -27.23 23.32
CA ARG A 391 -34.08 -26.24 23.66
C ARG A 391 -34.61 -25.38 24.80
N ASP A 392 -33.76 -24.50 25.33
CA ASP A 392 -34.10 -23.60 26.41
C ASP A 392 -35.44 -22.90 26.12
N LYS A 393 -36.36 -22.99 27.08
CA LYS A 393 -37.71 -22.50 26.95
C LYS A 393 -37.90 -21.08 27.45
N GLY A 394 -36.90 -20.53 28.15
CA GLY A 394 -37.02 -19.25 28.81
C GLY A 394 -37.28 -18.08 27.89
N LYS A 395 -36.70 -18.12 26.69
CA LYS A 395 -36.86 -17.03 25.71
C LYS A 395 -38.28 -16.92 25.12
N ARG A 396 -39.05 -18.02 25.20
CA ARG A 396 -40.35 -18.13 24.53
C ARG A 396 -41.34 -17.03 24.89
N PRO A 397 -41.69 -16.85 26.19
CA PRO A 397 -42.59 -15.76 26.58
C PRO A 397 -42.01 -14.37 26.34
N LEU A 398 -40.69 -14.24 26.45
CA LEU A 398 -39.98 -12.98 26.19
C LEU A 398 -40.11 -12.57 24.72
N MET A 399 -40.02 -13.56 23.82
CA MET A 399 -40.21 -13.30 22.40
C MET A 399 -41.67 -12.98 22.06
N GLY A 400 -42.60 -13.66 22.75
CA GLY A 400 -44.01 -13.32 22.65
C GLY A 400 -44.29 -11.89 23.05
N ALA A 401 -43.72 -11.45 24.18
CA ALA A 401 -43.92 -10.09 24.70
C ALA A 401 -43.36 -9.05 23.71
N ILE A 402 -42.18 -9.34 23.16
CA ILE A 402 -41.52 -8.48 22.18
C ILE A 402 -42.30 -8.36 20.87
N ALA A 403 -42.71 -9.50 20.33
CA ALA A 403 -43.55 -9.51 19.12
C ALA A 403 -44.81 -8.69 19.32
N GLU A 404 -45.46 -8.85 20.47
CA GLU A 404 -46.70 -8.13 20.80
C GLU A 404 -46.46 -6.62 20.91
N GLU A 405 -45.35 -6.25 21.56
CA GLU A 405 -45.01 -4.85 21.79
C GLU A 405 -44.56 -4.11 20.53
N PHE A 406 -43.60 -4.69 19.80
CA PHE A 406 -42.90 -3.99 18.70
C PHE A 406 -43.49 -4.24 17.32
N ALA A 407 -44.37 -5.24 17.20
CA ALA A 407 -45.16 -5.44 15.99
C ALA A 407 -46.60 -5.02 16.22
N ASP A 408 -47.34 -4.81 15.12
CA ASP A 408 -48.78 -4.59 15.15
C ASP A 408 -49.56 -5.89 14.99
N VAL A 409 -49.01 -6.83 14.22
CA VAL A 409 -49.59 -8.18 14.14
C VAL A 409 -48.51 -9.23 14.41
N ALA A 410 -48.73 -10.04 15.46
CA ALA A 410 -47.89 -11.16 15.80
C ALA A 410 -48.51 -12.43 15.23
N VAL A 411 -47.80 -13.10 14.33
CA VAL A 411 -48.20 -14.39 13.79
C VAL A 411 -47.24 -15.45 14.35
N VAL A 412 -47.70 -16.21 15.35
CA VAL A 412 -46.89 -17.23 16.00
C VAL A 412 -47.05 -18.55 15.27
N THR A 413 -45.92 -19.17 14.96
CA THR A 413 -45.92 -20.40 14.17
C THR A 413 -44.79 -21.29 14.64
N ASP A 414 -44.42 -22.29 13.84
CA ASP A 414 -43.39 -23.25 14.18
C ASP A 414 -42.04 -22.82 13.62
N ASP A 415 -40.99 -23.21 14.36
CA ASP A 415 -39.59 -22.99 13.97
C ASP A 415 -38.74 -24.08 14.58
N ASN A 416 -38.46 -25.13 13.80
CA ASN A 416 -37.73 -26.30 14.26
C ASN A 416 -38.31 -26.86 15.55
N PRO A 417 -39.56 -27.37 15.54
CA PRO A 417 -40.17 -27.91 16.75
C PRO A 417 -39.48 -29.21 17.24
N ARG A 418 -38.75 -29.88 16.33
CA ARG A 418 -38.00 -31.11 16.63
C ARG A 418 -38.97 -32.15 17.16
N THR A 419 -38.71 -32.69 18.37
CA THR A 419 -39.56 -33.73 18.95
C THR A 419 -40.59 -33.19 19.92
N GLU A 420 -40.47 -31.91 20.28
CA GLU A 420 -41.43 -31.25 21.17
C GLU A 420 -42.76 -30.99 20.46
N GLU A 421 -43.86 -31.09 21.23
CA GLU A 421 -45.20 -30.81 20.74
C GLU A 421 -45.27 -29.36 20.24
N PRO A 422 -45.46 -29.13 18.92
CA PRO A 422 -45.36 -27.77 18.37
C PRO A 422 -46.26 -26.75 19.06
N ARG A 423 -47.52 -27.13 19.31
CA ARG A 423 -48.46 -26.27 20.00
C ARG A 423 -48.01 -25.87 21.41
N ALA A 424 -47.31 -26.76 22.11
CA ALA A 424 -46.80 -26.47 23.46
C ALA A 424 -45.80 -25.31 23.42
N ILE A 425 -44.94 -25.32 22.39
CA ILE A 425 -43.97 -24.22 22.19
C ILE A 425 -44.75 -22.93 21.99
N ILE A 426 -45.74 -22.98 21.10
CA ILE A 426 -46.59 -21.84 20.82
C ILE A 426 -47.28 -21.32 22.08
N ASN A 427 -47.77 -22.24 22.91
CA ASN A 427 -48.42 -21.85 24.15
C ASN A 427 -47.47 -21.09 25.08
N ASP A 428 -46.21 -21.54 25.16
CA ASP A 428 -45.19 -20.86 25.96
C ASP A 428 -44.91 -19.45 25.46
N ILE A 429 -44.96 -19.28 24.14
CA ILE A 429 -44.80 -17.97 23.51
C ILE A 429 -45.96 -17.07 23.91
N LEU A 430 -47.18 -17.57 23.71
CA LEU A 430 -48.40 -16.83 24.02
C LEU A 430 -48.51 -16.45 25.50
N ALA A 431 -48.01 -17.32 26.37
CA ALA A 431 -48.00 -17.09 27.83
C ALA A 431 -47.33 -15.75 28.20
N GLY A 432 -46.32 -15.35 27.39
CA GLY A 432 -45.60 -14.12 27.61
C GLY A 432 -46.31 -12.85 27.25
N MET A 433 -47.48 -12.97 26.60
CA MET A 433 -48.23 -11.84 26.09
C MET A 433 -49.25 -11.29 27.06
N LEU A 434 -49.47 -9.98 26.99
CA LEU A 434 -50.54 -9.31 27.73
C LEU A 434 -51.90 -9.70 27.16
N ASP A 435 -51.96 -9.88 25.83
CA ASP A 435 -53.22 -10.19 25.15
C ASP A 435 -53.00 -11.24 24.07
N ALA A 436 -52.82 -12.49 24.50
CA ALA A 436 -52.57 -13.62 23.60
C ALA A 436 -53.64 -13.76 22.53
N GLY A 437 -54.87 -13.41 22.88
CA GLY A 437 -56.00 -13.50 21.98
C GLY A 437 -55.89 -12.62 20.76
N HIS A 438 -55.09 -11.55 20.85
CA HIS A 438 -54.81 -10.66 19.73
C HIS A 438 -53.72 -11.18 18.77
N ALA A 439 -52.87 -12.11 19.24
CA ALA A 439 -51.93 -12.81 18.38
C ALA A 439 -52.68 -13.75 17.44
N LYS A 440 -52.12 -13.97 16.25
CA LYS A 440 -52.60 -14.97 15.32
C LYS A 440 -51.69 -16.15 15.47
N VAL A 441 -52.27 -17.34 15.49
CA VAL A 441 -51.51 -18.56 15.51
C VAL A 441 -51.80 -19.28 14.22
N MET A 442 -50.74 -19.77 13.57
CA MET A 442 -50.88 -20.57 12.39
C MET A 442 -49.75 -21.55 12.31
N GLU A 443 -50.13 -22.83 12.27
CA GLU A 443 -49.17 -23.90 12.23
C GLU A 443 -49.05 -24.46 10.84
N GLY A 444 -47.85 -24.96 10.56
CA GLY A 444 -47.30 -24.98 9.25
C GLY A 444 -46.66 -23.60 9.15
N ARG A 445 -45.33 -23.56 9.10
CA ARG A 445 -44.60 -22.29 9.00
C ARG A 445 -44.90 -21.65 7.66
N ALA A 446 -44.83 -22.46 6.59
CA ALA A 446 -45.10 -21.96 5.25
C ALA A 446 -46.50 -21.27 5.17
N GLU A 447 -47.49 -21.87 5.82
CA GLU A 447 -48.85 -21.36 5.86
C GLU A 447 -48.93 -20.02 6.63
N ALA A 448 -48.17 -19.93 7.72
CA ALA A 448 -48.12 -18.72 8.55
C ALA A 448 -47.48 -17.59 7.78
N VAL A 449 -46.36 -17.88 7.12
CA VAL A 449 -45.69 -16.91 6.25
C VAL A 449 -46.68 -16.40 5.18
N THR A 450 -47.32 -17.35 4.49
CA THR A 450 -48.29 -17.07 3.45
C THR A 450 -49.42 -16.20 3.97
N CYS A 451 -49.95 -16.54 5.13
CA CYS A 451 -50.99 -15.80 5.80
C CYS A 451 -50.67 -14.31 5.99
N ALA A 452 -49.46 -14.00 6.46
CA ALA A 452 -49.02 -12.63 6.67
C ALA A 452 -48.84 -11.93 5.34
N VAL A 453 -48.16 -12.60 4.41
CA VAL A 453 -47.79 -11.98 3.13
C VAL A 453 -49.03 -11.66 2.28
N MET A 454 -49.98 -12.60 2.25
CA MET A 454 -51.19 -12.46 1.43
C MET A 454 -52.21 -11.51 2.03
N GLN A 455 -52.21 -11.33 3.34
CA GLN A 455 -53.13 -10.40 4.00
C GLN A 455 -52.58 -9.01 4.21
N ALA A 456 -51.25 -8.89 4.32
CA ALA A 456 -50.63 -7.61 4.59
C ALA A 456 -50.91 -6.65 3.43
N LYS A 457 -51.14 -5.37 3.76
CA LYS A 457 -51.33 -4.31 2.77
C LYS A 457 -50.03 -3.96 2.03
N GLU A 458 -50.16 -3.20 0.94
CA GLU A 458 -49.03 -2.84 0.08
C GLU A 458 -47.97 -2.07 0.84
N ASN A 459 -48.40 -1.23 1.78
CA ASN A 459 -47.49 -0.39 2.55
C ASN A 459 -47.14 -1.00 3.93
N ASP A 460 -47.48 -2.28 4.11
CA ASP A 460 -47.13 -3.01 5.33
C ASP A 460 -45.75 -3.62 5.12
N VAL A 461 -45.16 -4.04 6.24
CA VAL A 461 -43.92 -4.79 6.26
C VAL A 461 -44.16 -6.05 7.10
N VAL A 462 -43.74 -7.19 6.55
CA VAL A 462 -43.76 -8.47 7.25
C VAL A 462 -42.32 -8.91 7.55
N LEU A 463 -42.00 -9.01 8.84
CA LEU A 463 -40.74 -9.57 9.29
C LEU A 463 -40.95 -11.06 9.49
N VAL A 464 -40.16 -11.88 8.77
CA VAL A 464 -40.14 -13.33 8.94
C VAL A 464 -38.84 -13.67 9.66
N ALA A 465 -38.95 -13.96 10.96
CA ALA A 465 -37.83 -14.07 11.88
C ALA A 465 -37.54 -15.50 12.29
N GLY A 466 -36.25 -15.83 12.46
CA GLY A 466 -35.80 -17.02 13.14
C GLY A 466 -34.91 -17.96 12.35
N LYS A 467 -34.93 -17.84 11.03
CA LYS A 467 -34.20 -18.76 10.19
C LYS A 467 -33.13 -18.11 9.33
N GLY A 468 -33.38 -16.88 8.86
CA GLY A 468 -32.49 -16.21 7.94
C GLY A 468 -32.23 -17.06 6.70
N HIS A 469 -30.97 -17.49 6.54
CA HIS A 469 -30.51 -18.29 5.39
C HIS A 469 -30.70 -19.81 5.54
N GLU A 470 -31.07 -20.26 6.75
CA GLU A 470 -31.15 -21.69 7.06
C GLU A 470 -32.30 -22.28 6.22
N ASP A 471 -31.97 -23.31 5.45
CA ASP A 471 -32.87 -23.92 4.48
C ASP A 471 -33.49 -25.26 4.91
N TYR A 472 -33.82 -25.38 6.21
CA TYR A 472 -34.45 -26.57 6.77
C TYR A 472 -35.41 -26.22 7.91
N GLN A 473 -36.40 -27.10 8.09
CA GLN A 473 -37.33 -27.06 9.22
C GLN A 473 -37.22 -28.47 9.85
N ILE A 474 -36.74 -28.51 11.10
CA ILE A 474 -36.58 -29.77 11.81
C ILE A 474 -37.90 -30.10 12.49
N VAL A 475 -38.64 -31.05 11.92
CA VAL A 475 -39.88 -31.58 12.50
C VAL A 475 -39.61 -33.06 12.81
N GLY A 476 -39.79 -33.44 14.08
CA GLY A 476 -39.41 -34.74 14.56
C GLY A 476 -37.90 -34.85 14.52
N ASN A 477 -37.43 -35.89 13.82
CA ASN A 477 -36.02 -36.10 13.53
C ASN A 477 -35.64 -35.63 12.14
N GLN A 478 -36.67 -35.32 11.33
CA GLN A 478 -36.54 -35.03 9.89
C GLN A 478 -36.09 -33.60 9.64
N ARG A 479 -35.09 -33.46 8.78
CA ARG A 479 -34.57 -32.17 8.33
C ARG A 479 -35.27 -31.93 7.01
N LEU A 480 -36.46 -31.34 7.09
CA LEU A 480 -37.30 -31.11 5.93
C LEU A 480 -36.80 -29.90 5.16
N ASP A 481 -36.78 -30.02 3.82
CA ASP A 481 -36.38 -28.93 2.94
C ASP A 481 -37.43 -27.82 3.06
N TYR A 482 -36.98 -26.65 3.50
CA TYR A 482 -37.84 -25.49 3.64
C TYR A 482 -36.97 -24.25 3.76
N SER A 483 -37.35 -23.19 3.04
CA SER A 483 -36.69 -21.91 3.11
C SER A 483 -37.69 -20.77 3.22
N ASP A 484 -37.56 -19.96 4.28
CA ASP A 484 -38.29 -18.71 4.40
C ASP A 484 -38.08 -17.84 3.15
N ARG A 485 -36.82 -17.74 2.72
CA ARG A 485 -36.45 -16.88 1.59
C ARG A 485 -37.15 -17.30 0.33
N VAL A 486 -37.10 -18.61 0.02
CA VAL A 486 -37.76 -19.19 -1.14
C VAL A 486 -39.27 -19.02 -1.04
N THR A 487 -39.84 -19.30 0.14
CA THR A 487 -41.29 -19.20 0.35
C THR A 487 -41.78 -17.77 0.06
N VAL A 488 -41.06 -16.79 0.62
CA VAL A 488 -41.38 -15.40 0.47
C VAL A 488 -41.23 -14.96 -1.00
N ALA A 489 -40.13 -15.38 -1.63
CA ALA A 489 -39.82 -15.03 -3.03
C ALA A 489 -40.94 -15.50 -3.95
N ARG A 490 -41.38 -16.75 -3.75
CA ARG A 490 -42.43 -17.35 -4.56
C ARG A 490 -43.76 -16.64 -4.37
N LEU A 491 -44.09 -16.29 -3.12
CA LEU A 491 -45.30 -15.53 -2.82
C LEU A 491 -45.30 -14.14 -3.47
N LEU A 492 -44.12 -13.51 -3.54
CA LEU A 492 -43.98 -12.19 -4.12
C LEU A 492 -43.79 -12.23 -5.63
N GLY A 493 -43.48 -13.41 -6.17
CA GLY A 493 -43.23 -13.60 -7.58
C GLY A 493 -41.86 -13.10 -7.98
N VAL A 494 -40.91 -13.19 -7.04
CA VAL A 494 -39.53 -12.79 -7.26
C VAL A 494 -38.63 -14.01 -7.06
N ILE A 495 -37.32 -13.82 -7.20
CA ILE A 495 -36.34 -14.90 -7.09
C ILE A 495 -35.47 -14.69 -5.84
N ALA A 496 -35.33 -15.76 -5.05
CA ALA A 496 -34.49 -15.76 -3.86
C ALA A 496 -33.04 -15.92 -4.28
N ARG B 5 -11.90 2.56 -20.93
CA ARG B 5 -11.73 4.04 -21.07
C ARG B 5 -12.95 4.69 -21.73
N ASN B 6 -13.69 5.45 -20.92
CA ASN B 6 -14.91 6.11 -21.34
C ASN B 6 -14.94 7.52 -20.78
N LEU B 7 -15.27 8.49 -21.63
CA LEU B 7 -15.28 9.89 -21.28
C LEU B 7 -16.11 10.17 -20.05
N ARG B 8 -17.27 9.52 -19.95
CA ARG B 8 -18.20 9.73 -18.85
C ARG B 8 -17.57 9.28 -17.52
N ASP B 9 -17.03 8.06 -17.52
CA ASP B 9 -16.32 7.51 -16.36
C ASP B 9 -15.07 8.34 -16.04
N LEU B 10 -14.29 8.67 -17.07
CA LEU B 10 -13.08 9.49 -16.92
C LEU B 10 -13.37 10.74 -16.13
N LEU B 11 -14.46 11.43 -16.51
CA LEU B 11 -14.79 12.74 -15.98
C LEU B 11 -15.74 12.74 -14.77
N ALA B 12 -16.24 11.56 -14.39
CA ALA B 12 -17.20 11.41 -13.29
C ALA B 12 -16.84 12.18 -12.02
N PRO B 13 -15.58 12.18 -11.54
CA PRO B 13 -15.22 12.96 -10.36
C PRO B 13 -15.42 14.47 -10.49
N TRP B 14 -15.32 15.00 -11.72
CA TRP B 14 -15.30 16.44 -11.98
C TRP B 14 -16.52 16.97 -12.74
N VAL B 15 -16.97 16.23 -13.74
CA VAL B 15 -18.09 16.64 -14.61
C VAL B 15 -19.16 15.55 -14.59
N PRO B 16 -20.27 15.73 -13.83
CA PRO B 16 -21.27 14.67 -13.68
C PRO B 16 -22.04 14.34 -14.96
N ASP B 17 -22.27 15.35 -15.80
CA ASP B 17 -23.15 15.23 -16.96
C ASP B 17 -22.48 14.66 -18.21
N ALA B 18 -21.13 14.57 -18.18
CA ALA B 18 -20.31 14.21 -19.35
C ALA B 18 -20.89 13.07 -20.16
N PRO B 19 -20.94 13.21 -21.52
CA PRO B 19 -21.43 12.11 -22.37
C PRO B 19 -20.56 10.86 -22.35
N SER B 20 -21.22 9.72 -22.59
CA SER B 20 -20.55 8.44 -22.69
C SER B 20 -19.95 8.27 -24.09
N ARG B 21 -18.62 8.07 -24.14
CA ARG B 21 -17.87 7.82 -25.38
C ARG B 21 -16.64 6.99 -25.09
N ALA B 22 -16.42 5.95 -25.89
CA ALA B 22 -15.24 5.11 -25.76
C ALA B 22 -14.03 5.89 -26.26
N LEU B 23 -12.92 5.76 -25.53
CA LEU B 23 -11.72 6.52 -25.80
C LEU B 23 -10.57 5.55 -25.99
N ARG B 24 -9.66 5.88 -26.92
CA ARG B 24 -8.50 5.05 -27.24
C ARG B 24 -7.31 5.51 -26.41
N GLU B 25 -6.54 6.48 -26.93
CA GLU B 25 -5.40 7.04 -26.22
C GLU B 25 -5.68 8.48 -25.86
N MET B 26 -4.82 9.03 -25.00
CA MET B 26 -4.92 10.40 -24.55
C MET B 26 -3.67 11.07 -25.05
N THR B 27 -3.82 12.19 -25.77
CA THR B 27 -2.69 12.92 -26.32
C THR B 27 -2.90 14.44 -26.28
N LEU B 28 -1.81 15.18 -26.09
CA LEU B 28 -1.79 16.64 -26.14
C LEU B 28 -1.37 17.14 -27.52
N ASP B 29 -0.96 16.21 -28.39
CA ASP B 29 -0.42 16.56 -29.70
C ASP B 29 -1.43 16.20 -30.81
N SER B 30 -2.04 17.24 -31.37
CA SER B 30 -3.04 17.11 -32.44
C SER B 30 -2.53 16.37 -33.67
N ARG B 31 -1.21 16.49 -33.94
CA ARG B 31 -0.58 15.83 -35.08
C ARG B 31 -0.74 14.31 -35.05
N VAL B 32 -0.60 13.71 -33.85
CA VAL B 32 -0.75 12.26 -33.68
C VAL B 32 -2.15 11.84 -33.26
N ALA B 33 -3.02 12.82 -32.97
CA ALA B 33 -4.40 12.57 -32.57
C ALA B 33 -5.14 11.81 -33.67
N ALA B 34 -5.53 10.57 -33.36
CA ALA B 34 -6.16 9.64 -34.31
C ALA B 34 -7.58 9.25 -33.88
N ALA B 35 -8.28 8.56 -34.78
CA ALA B 35 -9.64 8.10 -34.56
C ALA B 35 -9.79 7.46 -33.20
N GLY B 36 -10.78 7.91 -32.43
CA GLY B 36 -11.09 7.38 -31.11
C GLY B 36 -10.30 7.95 -29.93
N ASP B 37 -9.30 8.80 -30.22
CA ASP B 37 -8.50 9.42 -29.17
C ASP B 37 -9.25 10.50 -28.38
N LEU B 38 -8.73 10.78 -27.18
CA LEU B 38 -9.08 11.95 -26.41
C LEU B 38 -7.94 12.93 -26.63
N PHE B 39 -8.25 14.05 -27.28
CA PHE B 39 -7.29 15.13 -27.46
C PHE B 39 -7.49 16.09 -26.30
N VAL B 40 -6.38 16.47 -25.65
CA VAL B 40 -6.44 17.41 -24.55
C VAL B 40 -5.73 18.67 -25.03
N ALA B 41 -6.47 19.77 -25.05
CA ALA B 41 -6.02 21.01 -25.63
C ALA B 41 -5.64 21.94 -24.50
N VAL B 42 -4.33 22.13 -24.30
CA VAL B 42 -3.81 22.91 -23.19
C VAL B 42 -3.16 24.20 -23.67
N VAL B 43 -3.03 25.16 -22.76
CA VAL B 43 -2.34 26.41 -23.04
C VAL B 43 -0.99 26.33 -22.36
N GLY B 44 0.08 26.48 -23.15
CA GLY B 44 1.46 26.50 -22.67
C GLY B 44 2.11 27.83 -22.95
N ALA B 47 2.27 28.28 -26.90
CA ALA B 47 1.37 27.39 -27.65
C ALA B 47 -0.02 27.31 -27.00
N ASP B 48 -1.07 27.29 -27.83
CA ASP B 48 -2.44 27.07 -27.38
C ASP B 48 -3.08 25.95 -28.18
N GLY B 49 -3.24 24.79 -27.55
CA GLY B 49 -3.79 23.59 -28.17
C GLY B 49 -5.22 23.70 -28.68
N ARG B 50 -5.99 24.66 -28.13
CA ARG B 50 -7.36 24.92 -28.57
C ARG B 50 -7.42 25.32 -30.05
N ARG B 51 -6.39 26.06 -30.50
CA ARG B 51 -6.22 26.40 -31.91
C ARG B 51 -6.35 25.16 -32.81
N TYR B 52 -5.88 24.00 -32.32
CA TYR B 52 -5.87 22.75 -33.09
C TYR B 52 -7.07 21.82 -32.84
N ILE B 53 -8.16 22.35 -32.26
CA ILE B 53 -9.39 21.60 -32.06
C ILE B 53 -10.01 21.15 -33.39
N PRO B 54 -10.16 22.05 -34.39
CA PRO B 54 -10.71 21.66 -35.69
C PRO B 54 -9.93 20.55 -36.38
N GLN B 55 -8.59 20.64 -36.36
CA GLN B 55 -7.71 19.59 -36.88
C GLN B 55 -8.00 18.23 -36.24
N ALA B 56 -7.96 18.20 -34.90
CA ALA B 56 -8.23 16.99 -34.10
C ALA B 56 -9.58 16.36 -34.42
N ILE B 57 -10.62 17.20 -34.51
CA ILE B 57 -11.94 16.76 -34.89
C ILE B 57 -11.91 16.12 -36.29
N ALA B 58 -11.29 16.84 -37.25
CA ALA B 58 -11.13 16.35 -38.62
C ALA B 58 -10.38 15.01 -38.71
N GLN B 59 -9.49 14.76 -37.74
CA GLN B 59 -8.77 13.49 -37.66
C GLN B 59 -9.56 12.41 -36.88
N GLY B 60 -10.75 12.77 -36.41
CA GLY B 60 -11.70 11.83 -35.84
C GLY B 60 -11.52 11.47 -34.37
N VAL B 61 -10.98 12.38 -33.57
CA VAL B 61 -10.86 12.14 -32.14
C VAL B 61 -12.27 11.93 -31.56
N ALA B 62 -12.40 11.01 -30.61
CA ALA B 62 -13.68 10.75 -29.94
C ALA B 62 -14.16 11.90 -29.07
N ALA B 63 -13.22 12.61 -28.44
CA ALA B 63 -13.56 13.71 -27.55
C ALA B 63 -12.36 14.59 -27.29
N ILE B 64 -12.65 15.75 -26.70
CA ILE B 64 -11.68 16.77 -26.40
C ILE B 64 -11.95 17.34 -25.02
N ILE B 65 -10.86 17.55 -24.27
CA ILE B 65 -10.89 18.29 -23.01
C ILE B 65 -9.99 19.50 -23.21
N ALA B 66 -10.49 20.69 -22.88
CA ALA B 66 -9.85 21.95 -23.24
C ALA B 66 -9.77 22.94 -22.08
N GLU B 67 -8.73 23.77 -22.09
CA GLU B 67 -8.58 24.83 -21.12
C GLU B 67 -9.78 25.78 -21.24
N ALA B 68 -10.41 26.09 -20.10
CA ALA B 68 -11.59 26.95 -20.03
C ALA B 68 -11.26 28.46 -20.04
N LYS B 69 -10.04 28.80 -19.62
CA LYS B 69 -9.58 30.18 -19.51
C LYS B 69 -9.95 31.00 -20.75
N ASP B 70 -10.76 32.05 -20.55
CA ASP B 70 -11.21 32.99 -21.59
C ASP B 70 -12.32 32.47 -22.51
N GLU B 71 -12.49 31.15 -22.59
CA GLU B 71 -13.35 30.52 -23.56
C GLU B 71 -14.66 30.04 -22.94
N ALA B 72 -14.60 29.48 -21.72
CA ALA B 72 -15.74 28.80 -21.15
C ALA B 72 -15.65 28.71 -19.64
N THR B 73 -16.73 28.23 -19.01
CA THR B 73 -16.75 27.98 -17.58
C THR B 73 -16.32 26.52 -17.32
N ASP B 74 -15.81 26.27 -16.10
CA ASP B 74 -15.34 24.95 -15.70
C ASP B 74 -16.50 23.98 -15.72
N GLY B 75 -16.30 22.84 -16.38
CA GLY B 75 -17.31 21.80 -16.48
C GLY B 75 -18.21 21.96 -17.71
N GLU B 76 -17.98 23.03 -18.48
CA GLU B 76 -18.83 23.34 -19.62
C GLU B 76 -18.69 22.29 -20.70
N ILE B 77 -19.80 21.63 -21.04
CA ILE B 77 -19.87 20.64 -22.10
C ILE B 77 -20.42 21.29 -23.37
N ARG B 78 -19.59 21.33 -24.43
CA ARG B 78 -19.99 21.76 -25.76
C ARG B 78 -19.84 20.62 -26.73
N GLU B 79 -20.19 20.83 -28.00
CA GLU B 79 -20.18 19.79 -29.01
C GLU B 79 -19.92 20.42 -30.37
N MET B 80 -18.88 19.95 -31.08
CA MET B 80 -18.57 20.40 -32.43
C MET B 80 -18.41 19.20 -33.35
N HIS B 81 -19.19 19.16 -34.44
CA HIS B 81 -19.19 18.07 -35.43
C HIS B 81 -19.50 16.72 -34.78
N GLY B 82 -20.37 16.74 -33.76
CA GLY B 82 -20.72 15.56 -33.00
C GLY B 82 -19.63 15.05 -32.06
N VAL B 83 -18.61 15.90 -31.81
CA VAL B 83 -17.53 15.56 -30.90
C VAL B 83 -17.68 16.39 -29.63
N PRO B 84 -17.77 15.74 -28.44
CA PRO B 84 -17.85 16.50 -27.19
C PRO B 84 -16.54 17.24 -26.91
N VAL B 85 -16.65 18.52 -26.53
CA VAL B 85 -15.54 19.34 -26.10
C VAL B 85 -15.88 19.81 -24.70
N ILE B 86 -15.15 19.28 -23.71
CA ILE B 86 -15.39 19.57 -22.31
C ILE B 86 -14.30 20.51 -21.81
N TYR B 87 -14.71 21.64 -21.23
CA TYR B 87 -13.80 22.67 -20.79
C TYR B 87 -13.58 22.57 -19.29
N LEU B 88 -12.30 22.63 -18.90
CA LEU B 88 -11.89 22.50 -17.51
C LEU B 88 -10.99 23.67 -17.21
N SER B 89 -11.20 24.30 -16.05
N SER B 89 -11.21 24.29 -16.04
CA SER B 89 -10.35 25.37 -15.56
C SER B 89 -9.09 24.73 -14.95
N GLN B 90 -7.96 25.45 -15.06
CA GLN B 90 -6.68 25.01 -14.51
C GLN B 90 -6.31 23.62 -15.01
N LEU B 91 -6.51 23.40 -16.32
CA LEU B 91 -6.33 22.09 -16.93
C LEU B 91 -4.90 21.59 -16.77
N ASN B 92 -3.92 22.51 -16.87
CA ASN B 92 -2.50 22.16 -16.66
C ASN B 92 -2.25 21.57 -15.28
N GLU B 93 -2.93 22.12 -14.26
CA GLU B 93 -2.83 21.68 -12.89
C GLU B 93 -3.43 20.30 -12.68
N ARG B 94 -4.50 20.00 -13.44
CA ARG B 94 -5.30 18.80 -13.23
C ARG B 94 -4.99 17.70 -14.23
N LEU B 95 -4.10 17.98 -15.17
CA LEU B 95 -3.77 17.02 -16.22
C LEU B 95 -3.24 15.68 -15.62
N SER B 96 -2.39 15.77 -14.60
CA SER B 96 -1.89 14.56 -13.96
C SER B 96 -3.04 13.67 -13.41
N ALA B 97 -3.98 14.28 -12.68
CA ALA B 97 -5.14 13.55 -12.14
C ALA B 97 -5.99 12.94 -13.25
N LEU B 98 -6.17 13.71 -14.32
CA LEU B 98 -6.97 13.30 -15.46
C LEU B 98 -6.35 12.08 -16.11
N ALA B 99 -5.05 12.16 -16.41
CA ALA B 99 -4.32 11.06 -17.01
C ALA B 99 -4.22 9.84 -16.06
N GLY B 100 -4.02 10.11 -14.76
CA GLY B 100 -4.04 9.06 -13.74
C GLY B 100 -5.29 8.20 -13.83
N ARG B 101 -6.45 8.86 -13.87
CA ARG B 101 -7.73 8.17 -13.98
C ARG B 101 -7.84 7.42 -15.30
N PHE B 102 -7.45 8.10 -16.39
CA PHE B 102 -7.49 7.52 -17.73
C PHE B 102 -6.70 6.21 -17.79
N TYR B 103 -5.53 6.18 -17.16
CA TYR B 103 -4.63 5.01 -17.19
C TYR B 103 -4.77 4.09 -15.95
N HIS B 104 -5.88 4.24 -15.22
CA HIS B 104 -6.26 3.34 -14.13
C HIS B 104 -5.29 3.40 -12.95
N GLU B 105 -4.87 4.63 -12.62
CA GLU B 105 -4.14 4.94 -11.38
C GLU B 105 -2.92 4.03 -11.18
N PRO B 106 -1.94 4.06 -12.11
CA PRO B 106 -0.76 3.20 -12.01
C PRO B 106 0.02 3.32 -10.70
N SER B 107 0.08 4.53 -10.12
CA SER B 107 0.80 4.71 -8.86
C SER B 107 0.12 4.09 -7.62
N ASP B 108 -1.15 3.70 -7.77
CA ASP B 108 -1.89 2.94 -6.75
C ASP B 108 -1.74 1.43 -6.94
N ASN B 109 -1.06 1.01 -8.02
CA ASN B 109 -0.86 -0.40 -8.32
C ASN B 109 0.58 -0.83 -8.37
N LEU B 110 1.48 0.02 -7.86
CA LEU B 110 2.86 -0.34 -7.59
C LEU B 110 3.34 0.60 -6.51
N ARG B 111 4.51 0.31 -5.94
CA ARG B 111 5.13 1.12 -4.89
C ARG B 111 6.05 2.11 -5.61
N LEU B 112 5.64 3.39 -5.62
CA LEU B 112 6.36 4.43 -6.34
C LEU B 112 7.16 5.25 -5.35
N VAL B 113 8.47 5.35 -5.60
CA VAL B 113 9.36 6.17 -4.80
C VAL B 113 9.93 7.25 -5.71
N GLY B 114 9.76 8.50 -5.29
CA GLY B 114 10.27 9.65 -6.01
C GLY B 114 11.54 10.13 -5.35
N VAL B 115 12.50 10.53 -6.17
CA VAL B 115 13.77 11.07 -5.67
C VAL B 115 13.93 12.44 -6.31
N THR B 116 14.06 13.48 -5.47
N THR B 116 14.06 13.46 -5.46
CA THR B 116 14.33 14.82 -5.93
CA THR B 116 14.27 14.87 -5.82
C THR B 116 15.63 15.35 -5.32
C THR B 116 15.65 15.34 -5.32
N GLY B 117 16.19 16.38 -5.96
CA GLY B 117 17.43 16.99 -5.53
C GLY B 117 18.28 17.28 -6.75
N THR B 118 19.38 17.99 -6.55
CA THR B 118 20.19 18.42 -7.67
C THR B 118 21.09 17.29 -8.13
N ASN B 119 21.66 16.54 -7.17
CA ASN B 119 22.58 15.44 -7.46
C ASN B 119 22.12 14.13 -6.84
N GLY B 120 22.63 13.02 -7.40
CA GLY B 120 22.41 11.71 -6.81
C GLY B 120 21.06 11.09 -7.06
N LYS B 121 20.25 11.71 -7.92
CA LYS B 121 18.93 11.20 -8.26
C LYS B 121 19.03 9.90 -9.01
N THR B 122 19.91 9.86 -10.03
CA THR B 122 20.02 8.67 -10.89
C THR B 122 20.50 7.49 -10.09
N THR B 123 21.57 7.71 -9.30
CA THR B 123 22.16 6.67 -8.48
C THR B 123 21.17 6.20 -7.44
N THR B 124 20.54 7.12 -6.72
CA THR B 124 19.63 6.75 -5.65
C THR B 124 18.43 5.95 -6.18
N THR B 125 17.88 6.41 -7.31
N THR B 125 17.87 6.38 -7.32
CA THR B 125 16.81 5.70 -8.01
CA THR B 125 16.79 5.63 -7.95
C THR B 125 17.26 4.29 -8.40
C THR B 125 17.26 4.25 -8.37
N GLN B 126 18.48 4.17 -8.96
CA GLN B 126 19.00 2.86 -9.37
C GLN B 126 19.15 1.92 -8.19
N LEU B 127 19.63 2.46 -7.06
CA LEU B 127 19.81 1.67 -5.85
C LEU B 127 18.48 1.18 -5.26
N LEU B 128 17.49 2.08 -5.23
CA LEU B 128 16.14 1.77 -4.76
C LEU B 128 15.57 0.63 -5.60
N ALA B 129 15.63 0.79 -6.92
CA ALA B 129 15.12 -0.21 -7.84
C ALA B 129 15.82 -1.56 -7.71
N GLN B 130 17.17 -1.56 -7.63
CA GLN B 130 17.98 -2.76 -7.41
C GLN B 130 17.70 -3.45 -6.12
N TRP B 131 17.71 -2.68 -5.03
CA TRP B 131 17.61 -3.25 -3.70
C TRP B 131 16.21 -3.89 -3.47
N SER B 132 15.17 -3.15 -3.87
CA SER B 132 13.80 -3.65 -3.80
C SER B 132 13.66 -4.93 -4.62
N GLN B 133 14.30 -4.98 -5.80
CA GLN B 133 14.22 -6.17 -6.64
C GLN B 133 14.95 -7.35 -5.99
N LEU B 134 16.09 -7.09 -5.35
CA LEU B 134 16.81 -8.09 -4.55
C LEU B 134 15.94 -8.67 -3.46
N LEU B 135 15.00 -7.87 -2.94
CA LEU B 135 14.08 -8.33 -1.91
C LEU B 135 12.76 -8.90 -2.45
N GLY B 136 12.66 -9.05 -3.78
CA GLY B 136 11.53 -9.76 -4.39
C GLY B 136 10.56 -8.98 -5.26
N GLU B 137 10.69 -7.65 -5.30
CA GLU B 137 9.90 -6.82 -6.21
C GLU B 137 10.35 -7.05 -7.64
N ILE B 138 9.46 -6.75 -8.59
CA ILE B 138 9.82 -6.54 -9.99
C ILE B 138 9.94 -5.02 -10.13
N SER B 139 11.17 -4.52 -10.18
CA SER B 139 11.43 -3.10 -10.05
C SER B 139 11.68 -2.44 -11.40
N ALA B 140 11.36 -1.14 -11.47
CA ALA B 140 11.53 -0.32 -12.65
C ALA B 140 12.09 1.02 -12.24
N VAL B 141 12.59 1.76 -13.22
CA VAL B 141 13.07 3.10 -13.01
C VAL B 141 12.48 4.00 -14.07
N MET B 142 12.26 5.26 -13.68
CA MET B 142 11.96 6.32 -14.59
C MET B 142 12.89 7.47 -14.26
N GLY B 143 13.73 7.83 -15.23
CA GLY B 143 14.67 8.92 -15.03
C GLY B 143 15.41 9.30 -16.28
N THR B 144 16.54 9.98 -16.07
CA THR B 144 17.27 10.66 -17.14
C THR B 144 17.90 9.66 -18.12
N VAL B 145 18.42 8.55 -17.59
CA VAL B 145 18.93 7.43 -18.41
C VAL B 145 17.81 6.77 -19.25
N GLY B 146 16.57 6.79 -18.72
CA GLY B 146 15.39 6.30 -19.43
C GLY B 146 14.37 5.64 -18.50
N ASN B 147 13.36 4.99 -19.09
CA ASN B 147 12.31 4.28 -18.36
C ASN B 147 12.32 2.80 -18.71
N GLY B 148 12.00 1.96 -17.72
CA GLY B 148 11.86 0.54 -17.95
C GLY B 148 12.09 -0.30 -16.74
N LEU B 149 11.69 -1.57 -16.85
CA LEU B 149 12.06 -2.58 -15.87
C LEU B 149 13.58 -2.59 -15.78
N LEU B 150 14.10 -2.96 -14.60
CA LEU B 150 15.53 -3.00 -14.35
C LEU B 150 16.25 -3.89 -15.39
N GLY B 151 17.34 -3.36 -15.95
CA GLY B 151 18.08 -3.99 -17.04
C GLY B 151 17.43 -3.88 -18.42
N LYS B 152 16.34 -3.11 -18.52
CA LYS B 152 15.55 -2.96 -19.74
C LYS B 152 15.11 -1.51 -19.92
N VAL B 153 15.97 -0.58 -19.53
CA VAL B 153 15.63 0.84 -19.47
C VAL B 153 15.88 1.47 -20.83
N ILE B 154 14.80 1.95 -21.47
CA ILE B 154 14.85 2.53 -22.82
C ILE B 154 14.91 4.06 -22.70
N PRO B 155 15.86 4.75 -23.40
CA PRO B 155 16.00 6.21 -23.28
C PRO B 155 14.78 7.05 -23.67
N GLY B 161 8.13 15.38 -22.12
CA GLY B 161 7.45 14.48 -21.22
C GLY B 161 6.46 15.18 -20.31
N SER B 162 5.18 15.20 -20.71
CA SER B 162 4.11 15.85 -19.95
C SER B 162 3.60 14.98 -18.78
N ALA B 163 2.65 15.53 -18.03
CA ALA B 163 1.92 14.79 -16.99
C ALA B 163 1.19 13.57 -17.55
N VAL B 164 0.75 13.65 -18.82
CA VAL B 164 0.12 12.53 -19.49
C VAL B 164 1.16 11.44 -19.77
N ASP B 165 2.30 11.83 -20.35
CA ASP B 165 3.39 10.88 -20.62
C ASP B 165 3.85 10.13 -19.36
N VAL B 166 3.94 10.85 -18.25
CA VAL B 166 4.34 10.23 -16.97
C VAL B 166 3.39 9.12 -16.58
N GLN B 167 2.09 9.41 -16.59
CA GLN B 167 1.08 8.44 -16.16
C GLN B 167 1.06 7.26 -17.12
N HIS B 168 1.10 7.57 -18.42
CA HIS B 168 1.13 6.57 -19.49
C HIS B 168 2.31 5.61 -19.30
N GLU B 169 3.52 6.16 -19.12
CA GLU B 169 4.71 5.33 -18.96
C GLU B 169 4.61 4.45 -17.68
N LEU B 170 4.09 5.03 -16.60
CA LEU B 170 3.93 4.30 -15.35
C LEU B 170 2.94 3.13 -15.55
N ALA B 171 1.89 3.38 -16.34
CA ALA B 171 0.91 2.35 -16.70
C ALA B 171 1.55 1.25 -17.54
N GLY B 172 2.40 1.66 -18.49
CA GLY B 172 3.23 0.74 -19.25
C GLY B 172 4.00 -0.21 -18.35
N LEU B 173 4.65 0.36 -17.33
CA LEU B 173 5.41 -0.42 -16.37
C LEU B 173 4.51 -1.34 -15.54
N VAL B 174 3.34 -0.84 -15.11
CA VAL B 174 2.38 -1.67 -14.37
C VAL B 174 2.00 -2.88 -15.25
N ASP B 175 1.81 -2.63 -16.55
CA ASP B 175 1.44 -3.67 -17.49
C ASP B 175 2.49 -4.73 -17.70
N GLN B 176 3.77 -4.31 -17.64
CA GLN B 176 4.89 -5.24 -17.76
C GLN B 176 5.19 -6.03 -16.49
N GLY B 177 4.41 -5.82 -15.41
CA GLY B 177 4.56 -6.53 -14.14
C GLY B 177 5.29 -5.82 -12.99
N ALA B 178 5.75 -4.59 -13.25
CA ALA B 178 6.47 -3.83 -12.23
C ALA B 178 5.60 -3.69 -10.95
N THR B 179 6.20 -3.97 -9.79
CA THR B 179 5.58 -3.78 -8.49
C THR B 179 6.22 -2.64 -7.70
N PHE B 180 7.33 -2.10 -8.23
CA PHE B 180 8.10 -1.05 -7.57
C PHE B 180 8.68 -0.19 -8.67
N CYS B 181 8.61 1.12 -8.50
CA CYS B 181 9.25 2.05 -9.42
C CYS B 181 9.91 3.16 -8.69
N ALA B 182 11.19 3.38 -9.05
CA ALA B 182 11.98 4.48 -8.53
C ALA B 182 12.06 5.53 -9.64
N MET B 183 11.58 6.74 -9.32
CA MET B 183 11.40 7.81 -10.27
C MET B 183 12.20 9.04 -9.88
N GLU B 184 12.97 9.56 -10.84
CA GLU B 184 13.61 10.85 -10.70
C GLU B 184 12.55 11.91 -10.90
N VAL B 185 12.44 12.83 -9.95
CA VAL B 185 11.53 13.96 -10.06
C VAL B 185 12.36 15.24 -10.10
N SER B 186 12.34 15.91 -11.25
CA SER B 186 13.04 17.19 -11.43
C SER B 186 12.28 18.33 -10.77
N SER B 187 13.03 19.33 -10.29
CA SER B 187 12.45 20.55 -9.77
C SER B 187 11.46 21.15 -10.77
N HIS B 188 11.83 21.09 -12.06
CA HIS B 188 11.03 21.65 -13.14
C HIS B 188 9.76 20.83 -13.41
N GLY B 189 9.88 19.50 -13.38
CA GLY B 189 8.73 18.61 -13.46
C GLY B 189 7.69 18.91 -12.38
N LEU B 190 8.17 19.09 -11.14
CA LEU B 190 7.30 19.34 -10.01
C LEU B 190 6.55 20.66 -10.19
N VAL B 191 7.28 21.71 -10.56
CA VAL B 191 6.71 23.05 -10.74
C VAL B 191 5.64 23.04 -11.87
N GLN B 192 5.89 22.27 -12.92
CA GLN B 192 4.98 22.15 -14.06
C GLN B 192 3.87 21.10 -13.85
N HIS B 193 3.70 20.63 -12.62
CA HIS B 193 2.63 19.73 -12.23
C HIS B 193 2.66 18.39 -12.97
N ARG B 194 3.86 17.96 -13.37
CA ARG B 194 4.03 16.71 -14.10
C ARG B 194 3.84 15.44 -13.27
N VAL B 195 3.96 15.55 -11.95
CA VAL B 195 3.71 14.40 -11.06
C VAL B 195 2.63 14.73 -10.02
N ALA B 196 1.81 15.74 -10.33
CA ALA B 196 0.85 16.30 -9.37
C ALA B 196 -0.09 15.27 -8.69
N ALA B 197 -0.54 14.23 -9.43
CA ALA B 197 -1.50 13.28 -8.89
C ALA B 197 -0.93 11.90 -8.60
N LEU B 198 0.39 11.77 -8.62
CA LEU B 198 1.02 10.48 -8.35
C LEU B 198 1.00 10.23 -6.87
N LYS B 199 0.64 9.00 -6.50
CA LYS B 199 0.68 8.55 -5.12
C LYS B 199 2.08 7.99 -4.85
N PHE B 200 2.95 8.84 -4.30
CA PHE B 200 4.29 8.40 -3.89
C PHE B 200 4.19 7.66 -2.56
N ALA B 201 4.73 6.44 -2.53
CA ALA B 201 4.91 5.69 -1.28
C ALA B 201 5.95 6.37 -0.42
N ALA B 202 6.93 6.98 -1.07
CA ALA B 202 8.01 7.67 -0.38
C ALA B 202 8.61 8.70 -1.32
N SER B 203 9.14 9.77 -0.73
CA SER B 203 9.81 10.86 -1.45
C SER B 203 11.15 11.07 -0.77
N VAL B 204 12.22 11.10 -1.57
CA VAL B 204 13.57 11.17 -1.08
C VAL B 204 14.16 12.47 -1.57
N PHE B 205 14.83 13.19 -0.65
CA PHE B 205 15.53 14.42 -0.98
C PHE B 205 17.03 14.20 -0.76
N THR B 206 17.80 14.28 -1.84
CA THR B 206 19.26 14.10 -1.79
C THR B 206 19.97 15.38 -1.35
N ASN B 207 19.81 16.45 -2.14
CA ASN B 207 20.55 17.71 -1.93
C ASN B 207 20.01 18.82 -2.84
N LEU B 208 20.35 20.08 -2.51
CA LEU B 208 20.27 21.18 -3.49
C LEU B 208 21.44 22.16 -3.35
N SER B 209 21.98 22.59 -4.49
CA SER B 209 23.09 23.55 -4.57
C SER B 209 22.58 24.98 -4.81
N ASP B 218 14.74 36.21 -1.96
CA ASP B 218 14.69 35.24 -3.06
C ASP B 218 14.61 33.81 -2.52
N MET B 219 15.46 33.50 -1.53
CA MET B 219 15.47 32.19 -0.87
C MET B 219 14.10 31.91 -0.23
N GLU B 220 13.46 32.96 0.31
CA GLU B 220 12.14 32.84 0.92
C GLU B 220 11.04 32.50 -0.08
N HIS B 221 11.04 33.18 -1.24
CA HIS B 221 10.04 32.89 -2.29
C HIS B 221 10.21 31.50 -2.87
N TYR B 222 11.47 31.12 -3.12
CA TYR B 222 11.82 29.83 -3.67
C TYR B 222 11.34 28.73 -2.73
N GLU B 223 11.74 28.84 -1.46
CA GLU B 223 11.32 27.91 -0.44
C GLU B 223 9.81 27.84 -0.27
N ALA B 224 9.15 29.02 -0.28
CA ALA B 224 7.69 29.11 -0.12
C ALA B 224 6.99 28.36 -1.24
N ALA B 225 7.40 28.67 -2.48
CA ALA B 225 6.91 27.96 -3.64
C ALA B 225 7.05 26.45 -3.49
N LYS B 226 8.22 25.98 -3.03
CA LYS B 226 8.48 24.55 -2.89
C LYS B 226 7.64 23.91 -1.77
N TRP B 227 7.51 24.62 -0.64
CA TRP B 227 6.67 24.12 0.45
C TRP B 227 5.22 23.94 0.00
N LEU B 228 4.71 24.94 -0.73
CA LEU B 228 3.38 24.95 -1.28
C LEU B 228 3.18 23.73 -2.18
N LEU B 229 4.11 23.51 -3.12
CA LEU B 229 4.09 22.34 -4.03
C LEU B 229 4.06 21.04 -3.25
N TYR B 230 4.93 20.95 -2.23
CA TYR B 230 5.04 19.78 -1.39
C TYR B 230 3.73 19.45 -0.69
N SER B 231 3.11 20.48 -0.12
CA SER B 231 1.85 20.35 0.59
C SER B 231 0.71 19.86 -0.30
N GLU B 232 0.82 20.11 -1.61
CA GLU B 232 -0.19 19.70 -2.58
C GLU B 232 -0.02 18.27 -3.10
N HIS B 233 1.18 17.70 -2.95
CA HIS B 233 1.44 16.37 -3.48
C HIS B 233 1.23 15.29 -2.43
N HIS B 234 1.04 14.05 -2.89
CA HIS B 234 1.01 12.87 -2.03
C HIS B 234 2.42 12.29 -1.94
N CYS B 235 3.19 12.76 -0.95
CA CYS B 235 4.61 12.42 -0.85
C CYS B 235 4.92 11.10 -0.15
N GLY B 236 3.97 10.63 0.66
CA GLY B 236 4.13 9.41 1.44
C GLY B 236 5.22 9.63 2.46
N GLN B 237 6.03 8.60 2.72
CA GLN B 237 7.14 8.70 3.66
C GLN B 237 8.21 9.65 3.12
N ALA B 238 8.62 10.62 3.92
CA ALA B 238 9.62 11.60 3.53
C ALA B 238 10.99 11.17 4.11
N ILE B 239 11.99 11.07 3.22
CA ILE B 239 13.34 10.69 3.60
C ILE B 239 14.23 11.79 3.09
N ILE B 240 14.92 12.43 4.03
CA ILE B 240 15.66 13.66 3.77
C ILE B 240 17.11 13.57 4.22
N ASN B 241 18.01 13.99 3.34
CA ASN B 241 19.43 14.06 3.66
C ASN B 241 19.69 15.21 4.62
N ALA B 242 19.98 14.88 5.88
CA ALA B 242 20.27 15.86 6.92
C ALA B 242 21.65 16.52 6.80
N ASP B 243 22.47 16.05 5.86
CA ASP B 243 23.78 16.65 5.61
C ASP B 243 23.66 17.85 4.68
N ASP B 244 22.47 18.04 4.11
CA ASP B 244 22.12 19.22 3.35
C ASP B 244 21.47 20.26 4.29
N GLU B 245 21.87 21.53 4.10
CA GLU B 245 21.42 22.65 4.95
C GLU B 245 19.91 22.88 4.81
N VAL B 246 19.40 22.83 3.58
CA VAL B 246 17.96 22.97 3.35
C VAL B 246 17.24 21.74 3.86
N GLY B 247 17.83 20.57 3.60
CA GLY B 247 17.39 19.31 4.18
C GLY B 247 17.09 19.41 5.68
N ARG B 248 18.05 19.94 6.44
CA ARG B 248 17.88 20.13 7.90
C ARG B 248 16.72 21.07 8.24
N ARG B 249 16.59 22.17 7.48
CA ARG B 249 15.54 23.16 7.72
C ARG B 249 14.17 22.52 7.58
N TRP B 250 14.01 21.68 6.54
CA TRP B 250 12.76 20.98 6.29
C TRP B 250 12.49 19.88 7.32
N LEU B 251 13.54 19.14 7.70
CA LEU B 251 13.47 18.13 8.76
C LEU B 251 12.91 18.73 10.08
N ALA B 252 13.30 19.97 10.37
CA ALA B 252 12.81 20.72 11.55
C ALA B 252 11.29 20.92 11.51
N LYS B 253 10.72 20.96 10.30
CA LYS B 253 9.29 21.15 10.09
C LYS B 253 8.49 19.86 9.86
N LEU B 254 9.18 18.73 9.70
CA LEU B 254 8.56 17.46 9.33
C LEU B 254 8.89 16.38 10.35
N PRO B 255 8.14 16.31 11.48
CA PRO B 255 8.50 15.40 12.57
C PRO B 255 8.42 13.93 12.20
N ASP B 256 7.68 13.60 11.14
CA ASP B 256 7.54 12.23 10.66
C ASP B 256 8.53 11.81 9.56
N ALA B 257 9.34 12.76 9.09
CA ALA B 257 10.36 12.50 8.06
C ALA B 257 11.52 11.74 8.67
N VAL B 258 12.20 10.92 7.86
CA VAL B 258 13.40 10.22 8.25
C VAL B 258 14.65 11.06 7.97
N ALA B 259 15.47 11.27 9.00
CA ALA B 259 16.72 12.01 8.88
C ALA B 259 17.86 11.02 8.56
N VAL B 260 18.65 11.35 7.52
CA VAL B 260 19.74 10.50 7.08
C VAL B 260 21.01 11.35 7.10
N SER B 261 22.05 10.84 7.77
CA SER B 261 23.34 11.54 7.89
C SER B 261 24.50 10.59 7.80
N MET B 262 25.61 11.11 7.25
CA MET B 262 26.91 10.47 7.38
C MET B 262 27.94 11.45 7.94
N GLU B 263 27.48 12.65 8.36
CA GLU B 263 28.33 13.72 8.89
C GLU B 263 27.86 14.25 10.24
N ASP B 264 27.17 13.42 11.02
CA ASP B 264 26.77 13.75 12.38
C ASP B 264 25.67 14.83 12.55
N HIS B 265 24.69 14.87 11.63
CA HIS B 265 23.62 15.86 11.69
C HIS B 265 22.28 15.35 12.23
N ILE B 266 22.21 14.09 12.67
CA ILE B 266 21.01 13.57 13.32
C ILE B 266 20.92 14.23 14.67
N ASN B 267 19.77 14.84 14.96
CA ASN B 267 19.43 15.27 16.31
C ASN B 267 18.54 14.27 17.03
N PRO B 268 19.11 13.41 17.90
CA PRO B 268 18.33 12.36 18.58
C PRO B 268 17.24 12.86 19.56
N ASN B 269 17.32 14.11 20.01
CA ASN B 269 16.28 14.73 20.87
C ASN B 269 14.89 14.79 20.23
N CYS B 270 14.83 14.77 18.90
N CYS B 270 14.83 14.78 18.89
CA CYS B 270 13.58 14.79 18.16
CA CYS B 270 13.58 14.80 18.15
C CYS B 270 12.79 13.47 18.28
C CYS B 270 12.78 13.48 18.29
N HIS B 271 13.48 12.38 18.61
CA HIS B 271 12.90 11.03 18.71
C HIS B 271 12.24 10.57 17.40
N GLY B 272 12.68 11.15 16.27
CA GLY B 272 12.13 10.84 14.98
C GLY B 272 12.79 9.56 14.54
N ARG B 273 12.54 9.19 13.29
CA ARG B 273 13.23 8.09 12.67
C ARG B 273 14.50 8.66 12.03
N TRP B 274 15.60 7.91 12.15
CA TRP B 274 16.89 8.39 11.66
C TRP B 274 17.78 7.22 11.28
N LEU B 275 18.82 7.56 10.51
CA LEU B 275 19.81 6.60 10.03
C LEU B 275 21.10 7.40 9.80
N LYS B 276 22.19 6.91 10.42
CA LYS B 276 23.48 7.56 10.35
C LYS B 276 24.61 6.57 10.23
N ALA B 277 25.52 6.86 9.30
CA ALA B 277 26.75 6.12 9.14
C ALA B 277 27.60 6.62 10.29
N THR B 278 28.10 5.71 11.12
CA THR B 278 28.94 6.04 12.25
C THR B 278 30.41 5.91 11.89
N GLU B 279 30.71 5.00 10.96
CA GLU B 279 32.08 4.79 10.51
C GLU B 279 32.05 4.27 9.07
N VAL B 280 32.87 4.89 8.20
CA VAL B 280 33.05 4.42 6.83
C VAL B 280 34.51 4.19 6.61
N ASN B 281 34.87 2.98 6.19
CA ASN B 281 36.20 2.69 5.66
C ASN B 281 36.13 2.65 4.14
N TYR B 282 36.76 3.63 3.49
CA TYR B 282 36.87 3.65 2.03
C TYR B 282 38.08 2.80 1.67
N HIS B 283 37.85 1.70 0.96
CA HIS B 283 38.92 0.77 0.60
C HIS B 283 38.97 0.58 -0.90
N ASP B 284 39.80 -0.37 -1.35
CA ASP B 284 40.21 -0.44 -2.73
C ASP B 284 39.14 -1.00 -3.64
N SER B 285 38.07 -1.56 -3.07
CA SER B 285 36.96 -2.14 -3.83
C SER B 285 35.58 -1.59 -3.45
N GLY B 286 35.54 -0.59 -2.58
CA GLY B 286 34.28 -0.03 -2.15
C GLY B 286 34.41 0.60 -0.80
N ALA B 287 33.32 0.54 -0.02
CA ALA B 287 33.25 1.14 1.29
C ALA B 287 32.57 0.19 2.25
N THR B 288 33.11 0.11 3.46
CA THR B 288 32.47 -0.61 4.55
C THR B 288 31.79 0.43 5.39
N ILE B 289 30.47 0.32 5.51
CA ILE B 289 29.64 1.34 6.13
C ILE B 289 29.02 0.77 7.38
N ARG B 290 29.43 1.29 8.52
CA ARG B 290 28.83 0.97 9.81
C ARG B 290 27.82 2.04 10.11
N PHE B 291 26.61 1.63 10.47
CA PHE B 291 25.51 2.54 10.69
C PHE B 291 24.66 2.13 11.87
N SER B 292 24.07 3.14 12.52
N SER B 292 24.06 3.15 12.50
CA SER B 292 22.99 2.96 13.47
CA SER B 292 22.98 2.97 13.46
C SER B 292 21.71 3.58 12.89
C SER B 292 21.72 3.55 12.86
N SER B 293 20.57 3.12 13.38
CA SER B 293 19.27 3.60 12.93
C SER B 293 18.20 3.22 13.93
N SER B 294 17.05 3.91 13.82
CA SER B 294 15.90 3.59 14.64
C SER B 294 15.34 2.20 14.39
N TRP B 295 15.77 1.55 13.30
CA TRP B 295 15.42 0.18 12.97
C TRP B 295 16.42 -0.89 13.44
N GLY B 296 17.54 -0.47 14.02
CA GLY B 296 18.65 -1.35 14.33
C GLY B 296 19.93 -0.95 13.60
N ASP B 297 21.05 -1.54 14.04
CA ASP B 297 22.38 -1.20 13.55
C ASP B 297 22.91 -2.27 12.63
N GLY B 298 23.99 -1.98 11.92
CA GLY B 298 24.48 -2.89 10.91
C GLY B 298 25.77 -2.46 10.26
N GLU B 299 26.22 -3.27 9.31
CA GLU B 299 27.43 -3.00 8.57
C GLU B 299 27.17 -3.51 7.17
N ILE B 300 27.38 -2.61 6.19
CA ILE B 300 27.17 -2.87 4.76
C ILE B 300 28.53 -2.80 4.05
N GLU B 301 28.76 -3.75 3.14
CA GLU B 301 29.86 -3.70 2.17
C GLU B 301 29.29 -3.20 0.87
N SER B 302 29.48 -1.91 0.61
CA SER B 302 29.08 -1.30 -0.64
C SER B 302 30.20 -1.44 -1.64
N HIS B 303 29.85 -1.71 -2.90
CA HIS B 303 30.81 -1.77 -3.98
C HIS B 303 30.77 -0.48 -4.82
N LEU B 304 30.21 0.59 -4.23
CA LEU B 304 30.19 1.91 -4.83
C LEU B 304 31.32 2.72 -4.23
N MET B 305 31.77 3.73 -4.98
CA MET B 305 32.94 4.53 -4.65
C MET B 305 32.54 5.96 -4.28
N GLY B 306 33.18 6.49 -3.24
CA GLY B 306 33.12 7.89 -2.87
C GLY B 306 32.10 8.15 -1.79
N ALA B 307 32.22 9.32 -1.16
CA ALA B 307 31.35 9.71 -0.05
C ALA B 307 29.89 9.96 -0.49
N PHE B 308 29.71 10.59 -1.65
CA PHE B 308 28.41 10.93 -2.20
C PHE B 308 27.57 9.65 -2.38
N ASN B 309 28.21 8.56 -2.84
CA ASN B 309 27.53 7.28 -2.99
C ASN B 309 27.24 6.54 -1.68
N VAL B 310 27.99 6.84 -0.63
CA VAL B 310 27.61 6.35 0.70
C VAL B 310 26.28 7.03 1.07
N SER B 311 26.20 8.36 0.90
CA SER B 311 24.99 9.12 1.14
C SER B 311 23.79 8.58 0.34
N ASN B 312 23.98 8.38 -0.98
CA ASN B 312 22.95 7.84 -1.82
C ASN B 312 22.45 6.46 -1.35
N LEU B 313 23.40 5.59 -0.97
CA LEU B 313 23.09 4.26 -0.48
C LEU B 313 22.29 4.31 0.82
N LEU B 314 22.73 5.15 1.76
CA LEU B 314 22.04 5.36 3.04
C LEU B 314 20.60 5.90 2.84
N LEU B 315 20.42 6.78 1.85
CA LEU B 315 19.11 7.32 1.53
C LEU B 315 18.20 6.19 1.02
N ALA B 316 18.73 5.34 0.14
CA ALA B 316 17.97 4.23 -0.36
C ALA B 316 17.62 3.24 0.75
N LEU B 317 18.60 2.98 1.64
CA LEU B 317 18.39 2.10 2.81
C LEU B 317 17.29 2.63 3.76
N ALA B 318 17.43 3.90 4.15
CA ALA B 318 16.46 4.56 5.01
C ALA B 318 15.05 4.53 4.40
N THR B 319 14.94 4.77 3.08
CA THR B 319 13.69 4.71 2.36
C THR B 319 13.05 3.33 2.44
N LEU B 320 13.85 2.28 2.18
CA LEU B 320 13.30 0.94 2.14
C LEU B 320 12.93 0.48 3.55
N LEU B 321 13.72 0.89 4.54
CA LEU B 321 13.39 0.61 5.94
C LEU B 321 12.06 1.29 6.30
N ALA B 322 11.89 2.55 5.89
CA ALA B 322 10.67 3.33 6.15
C ALA B 322 9.44 2.71 5.50
N LEU B 323 9.62 2.04 4.37
CA LEU B 323 8.56 1.35 3.68
C LEU B 323 8.30 -0.04 4.26
N GLY B 324 9.12 -0.46 5.23
CA GLY B 324 8.91 -1.68 5.99
C GLY B 324 9.68 -2.90 5.52
N TYR B 325 10.61 -2.72 4.57
CA TYR B 325 11.48 -3.81 4.17
C TYR B 325 12.39 -4.17 5.35
N PRO B 326 12.55 -5.46 5.70
CA PRO B 326 13.26 -5.82 6.92
C PRO B 326 14.78 -5.54 6.81
N LEU B 327 15.33 -4.93 7.87
CA LEU B 327 16.74 -4.64 7.96
C LEU B 327 17.60 -5.85 7.60
N ALA B 328 17.31 -7.00 8.20
CA ALA B 328 18.07 -8.23 7.96
C ALA B 328 18.19 -8.57 6.47
N ASP B 329 17.10 -8.45 5.71
CA ASP B 329 17.09 -8.78 4.30
C ASP B 329 17.82 -7.73 3.46
N LEU B 330 17.79 -6.47 3.92
CA LEU B 330 18.47 -5.39 3.23
C LEU B 330 19.96 -5.59 3.40
N LEU B 331 20.37 -5.90 4.63
CA LEU B 331 21.79 -6.19 4.95
C LEU B 331 22.36 -7.33 4.11
N LYS B 332 21.57 -8.40 3.95
CA LYS B 332 21.98 -9.60 3.22
C LYS B 332 22.15 -9.36 1.72
N THR B 333 21.57 -8.26 1.22
CA THR B 333 21.53 -7.99 -0.21
C THR B 333 22.36 -6.80 -0.65
N ALA B 334 22.82 -6.00 0.33
CA ALA B 334 23.54 -4.75 0.04
C ALA B 334 24.81 -4.95 -0.82
N ALA B 335 25.48 -6.08 -0.66
CA ALA B 335 26.73 -6.36 -1.40
C ALA B 335 26.48 -6.59 -2.89
N ARG B 336 25.22 -6.86 -3.25
CA ARG B 336 24.86 -7.05 -4.66
C ARG B 336 24.49 -5.75 -5.38
N LEU B 337 24.42 -4.64 -4.65
CA LEU B 337 24.13 -3.35 -5.24
C LEU B 337 25.29 -2.95 -6.12
N GLN B 338 25.00 -2.46 -7.33
CA GLN B 338 26.04 -2.16 -8.26
C GLN B 338 25.93 -0.72 -8.74
N PRO B 339 27.03 -0.12 -9.21
CA PRO B 339 26.99 1.26 -9.68
C PRO B 339 26.23 1.34 -10.98
N VAL B 340 25.79 2.56 -11.33
CA VAL B 340 25.33 2.84 -12.68
C VAL B 340 26.57 2.63 -13.56
N CYS B 341 26.41 1.84 -14.61
CA CYS B 341 27.52 1.46 -15.48
C CYS B 341 28.28 2.73 -15.91
N GLY B 342 29.62 2.69 -15.78
CA GLY B 342 30.45 3.82 -16.16
C GLY B 342 30.34 5.04 -15.25
N ARG B 343 29.76 4.86 -14.06
CA ARG B 343 29.71 5.90 -13.04
C ARG B 343 30.46 5.40 -11.82
N MET B 344 31.68 5.94 -11.61
CA MET B 344 32.61 5.51 -10.57
C MET B 344 32.57 4.00 -10.44
N GLU B 345 32.64 3.32 -11.59
CA GLU B 345 32.57 1.89 -11.63
C GLU B 345 33.96 1.32 -11.37
N VAL B 346 34.09 0.54 -10.29
CA VAL B 346 35.36 0.05 -9.81
C VAL B 346 35.70 -1.30 -10.42
N PHE B 347 36.97 -1.46 -10.77
CA PHE B 347 37.50 -2.70 -11.34
C PHE B 347 38.70 -3.08 -10.49
N THR B 348 38.65 -4.26 -9.88
CA THR B 348 39.70 -4.77 -9.03
C THR B 348 40.08 -6.14 -9.53
N ALA B 349 41.35 -6.47 -9.36
CA ALA B 349 41.83 -7.82 -9.59
C ALA B 349 42.97 -8.04 -8.59
N PRO B 350 43.15 -9.29 -8.12
CA PRO B 350 44.17 -9.61 -7.12
C PRO B 350 45.53 -9.01 -7.46
N GLY B 351 46.06 -8.22 -6.52
CA GLY B 351 47.40 -7.67 -6.60
C GLY B 351 47.66 -6.63 -7.67
N LYS B 352 46.59 -6.04 -8.23
CA LYS B 352 46.70 -5.00 -9.26
C LYS B 352 46.17 -3.69 -8.71
N PRO B 353 46.49 -2.53 -9.35
CA PRO B 353 45.91 -1.27 -8.93
C PRO B 353 44.39 -1.32 -9.11
N THR B 354 43.67 -0.59 -8.25
CA THR B 354 42.24 -0.39 -8.39
C THR B 354 42.05 0.56 -9.55
N VAL B 355 41.13 0.21 -10.46
CA VAL B 355 40.82 1.07 -11.58
C VAL B 355 39.35 1.47 -11.55
N VAL B 356 39.09 2.78 -11.66
CA VAL B 356 37.74 3.34 -11.67
C VAL B 356 37.49 3.95 -13.04
N VAL B 357 36.41 3.53 -13.69
CA VAL B 357 35.92 4.13 -14.90
C VAL B 357 34.74 5.06 -14.57
N ASP B 358 34.87 6.33 -14.99
CA ASP B 358 33.83 7.31 -14.78
C ASP B 358 33.70 8.16 -16.02
N TYR B 359 32.46 8.60 -16.28
CA TYR B 359 32.13 9.39 -17.45
C TYR B 359 32.53 10.87 -17.33
N ALA B 360 32.99 11.30 -16.15
CA ALA B 360 33.37 12.69 -15.87
C ALA B 360 34.15 13.30 -17.03
N HIS B 361 33.55 14.32 -17.64
CA HIS B 361 34.12 15.01 -18.80
C HIS B 361 33.98 16.52 -18.73
N THR B 362 33.76 17.05 -17.53
CA THR B 362 33.75 18.48 -17.24
C THR B 362 34.63 18.74 -16.02
N PRO B 363 35.12 19.98 -15.80
CA PRO B 363 35.99 20.26 -14.66
C PRO B 363 35.39 19.87 -13.30
N ASP B 364 34.12 20.22 -13.08
N ASP B 364 34.12 20.23 -13.07
CA ASP B 364 33.40 19.89 -11.84
CA ASP B 364 33.40 19.90 -11.85
C ASP B 364 33.24 18.38 -11.62
C ASP B 364 33.29 18.38 -11.64
N ALA B 365 32.79 17.67 -12.66
CA ALA B 365 32.64 16.21 -12.57
C ALA B 365 33.99 15.52 -12.29
N LEU B 366 35.05 15.98 -12.98
CA LEU B 366 36.37 15.39 -12.84
C LEU B 366 36.93 15.62 -11.45
N GLU B 367 36.77 16.84 -10.93
CA GLU B 367 37.15 17.15 -9.56
C GLU B 367 36.47 16.22 -8.56
N LYS B 368 35.15 16.06 -8.70
CA LYS B 368 34.36 15.22 -7.79
C LYS B 368 34.78 13.75 -7.87
N ALA B 369 35.00 13.27 -9.11
CA ALA B 369 35.43 11.90 -9.35
C ALA B 369 36.79 11.59 -8.73
N LEU B 370 37.73 12.56 -8.84
CA LEU B 370 39.06 12.40 -8.25
C LEU B 370 39.05 12.44 -6.74
N GLN B 371 38.22 13.34 -6.17
CA GLN B 371 38.07 13.44 -4.73
C GLN B 371 37.46 12.17 -4.15
N ALA B 372 36.49 11.61 -4.87
CA ALA B 372 35.87 10.34 -4.49
C ALA B 372 36.90 9.22 -4.54
N ALA B 373 37.64 9.14 -5.66
CA ALA B 373 38.68 8.13 -5.85
C ALA B 373 39.80 8.22 -4.81
N ARG B 374 40.19 9.45 -4.45
CA ARG B 374 41.23 9.68 -3.46
C ARG B 374 40.94 8.96 -2.12
N LEU B 375 39.67 8.96 -1.71
CA LEU B 375 39.26 8.33 -0.45
C LEU B 375 39.61 6.85 -0.38
N HIS B 376 39.59 6.19 -1.54
CA HIS B 376 39.86 4.78 -1.65
C HIS B 376 41.31 4.44 -1.98
N CYS B 377 42.18 5.45 -1.99
CA CYS B 377 43.51 5.34 -2.58
C CYS B 377 44.55 5.47 -1.49
N ALA B 378 45.22 4.36 -1.17
CA ALA B 378 46.31 4.32 -0.18
C ALA B 378 47.61 4.88 -0.76
N GLY B 379 47.85 4.61 -2.04
CA GLY B 379 49.07 5.01 -2.72
C GLY B 379 48.88 6.29 -3.50
N LYS B 380 49.24 6.25 -4.78
CA LYS B 380 49.07 7.37 -5.69
C LYS B 380 47.81 7.26 -6.56
N LEU B 381 47.16 8.41 -6.77
CA LEU B 381 46.00 8.55 -7.63
C LEU B 381 46.44 8.97 -9.04
N TRP B 382 46.17 8.12 -10.03
CA TRP B 382 46.39 8.42 -11.43
C TRP B 382 45.07 8.87 -12.07
N CYS B 383 45.15 9.80 -13.03
CA CYS B 383 44.01 10.27 -13.80
C CYS B 383 44.32 10.21 -15.28
N VAL B 384 43.63 9.34 -16.01
CA VAL B 384 43.77 9.22 -17.44
C VAL B 384 42.55 9.91 -18.05
N PHE B 385 42.81 10.92 -18.89
CA PHE B 385 41.73 11.68 -19.49
C PHE B 385 42.23 12.48 -20.70
N GLY B 386 41.24 12.94 -21.49
CA GLY B 386 41.43 13.91 -22.56
C GLY B 386 40.17 14.74 -22.69
N CYS B 387 40.08 15.49 -23.78
CA CYS B 387 38.96 16.34 -24.08
C CYS B 387 38.54 16.19 -25.52
N GLY B 388 37.24 16.39 -25.76
CA GLY B 388 36.66 16.23 -27.07
C GLY B 388 37.19 17.28 -28.01
N GLY B 389 37.41 16.89 -29.26
CA GLY B 389 37.83 17.80 -30.32
C GLY B 389 36.62 18.46 -31.00
N ASP B 390 36.89 19.60 -31.65
CA ASP B 390 35.90 20.38 -32.37
C ASP B 390 34.75 20.92 -31.53
N ARG B 391 34.88 20.93 -30.20
CA ARG B 391 33.84 21.44 -29.34
C ARG B 391 34.28 21.56 -27.92
N ASP B 392 33.51 22.34 -27.14
CA ASP B 392 33.71 22.50 -25.70
C ASP B 392 35.20 22.66 -25.33
N LYS B 393 35.82 23.71 -25.86
CA LYS B 393 37.25 23.94 -25.79
C LYS B 393 37.73 24.70 -24.56
N GLY B 394 36.83 25.51 -23.99
CA GLY B 394 37.16 26.31 -22.80
C GLY B 394 37.51 25.48 -21.58
N LYS B 395 36.86 24.31 -21.43
CA LYS B 395 37.09 23.42 -20.29
C LYS B 395 38.50 22.80 -20.24
N ARG B 396 39.19 22.79 -21.39
CA ARG B 396 40.45 22.06 -21.55
C ARG B 396 41.52 22.38 -20.51
N PRO B 397 41.95 23.67 -20.35
CA PRO B 397 42.92 24.02 -19.32
C PRO B 397 42.41 23.82 -17.91
N LEU B 398 41.11 24.01 -17.70
CA LEU B 398 40.47 23.80 -16.39
C LEU B 398 40.54 22.33 -15.98
N MET B 399 40.34 21.42 -16.94
N MET B 399 40.31 21.43 -16.95
CA MET B 399 40.47 20.00 -16.67
CA MET B 399 40.46 19.99 -16.79
C MET B 399 41.93 19.60 -16.41
C MET B 399 41.90 19.64 -16.39
N GLY B 400 42.86 20.21 -17.14
CA GLY B 400 44.27 20.06 -16.86
C GLY B 400 44.65 20.48 -15.45
N ALA B 401 44.14 21.64 -15.01
CA ALA B 401 44.42 22.17 -13.67
C ALA B 401 43.88 21.24 -12.58
N ILE B 402 42.66 20.73 -12.81
CA ILE B 402 41.99 19.81 -11.89
C ILE B 402 42.70 18.48 -11.77
N ALA B 403 43.04 17.89 -12.92
CA ALA B 403 43.79 16.63 -12.94
C ALA B 403 45.10 16.79 -12.17
N GLU B 404 45.80 17.92 -12.40
CA GLU B 404 47.07 18.18 -11.73
C GLU B 404 46.92 18.35 -10.22
N GLU B 405 45.86 19.06 -9.82
CA GLU B 405 45.64 19.37 -8.40
C GLU B 405 45.17 18.16 -7.60
N PHE B 406 44.15 17.45 -8.11
CA PHE B 406 43.46 16.40 -7.36
C PHE B 406 43.98 14.97 -7.60
N ALA B 407 44.81 14.80 -8.63
CA ALA B 407 45.57 13.56 -8.84
C ALA B 407 47.03 13.75 -8.51
N ASP B 408 47.76 12.64 -8.33
CA ASP B 408 49.21 12.64 -8.21
C ASP B 408 49.90 12.46 -9.56
N VAL B 409 49.28 11.69 -10.45
CA VAL B 409 49.79 11.55 -11.83
C VAL B 409 48.67 11.82 -12.83
N ALA B 410 48.90 12.79 -13.72
CA ALA B 410 47.99 13.11 -14.81
C ALA B 410 48.52 12.45 -16.07
N VAL B 411 47.71 11.56 -16.65
CA VAL B 411 47.99 10.98 -17.95
C VAL B 411 47.03 11.57 -18.97
N VAL B 412 47.51 12.51 -19.79
CA VAL B 412 46.70 13.21 -20.77
C VAL B 412 46.76 12.45 -22.09
N THR B 413 45.58 12.17 -22.64
CA THR B 413 45.47 11.37 -23.84
C THR B 413 44.31 11.89 -24.67
N ASP B 414 43.83 11.07 -25.61
CA ASP B 414 42.76 11.43 -26.53
C ASP B 414 41.43 10.96 -26.01
N ASP B 415 40.40 11.73 -26.38
CA ASP B 415 39.00 11.45 -26.06
C ASP B 415 38.14 12.12 -27.14
N ASN B 416 37.75 11.35 -28.15
CA ASN B 416 36.97 11.83 -29.29
C ASN B 416 37.59 13.07 -29.92
N PRO B 417 38.81 12.97 -30.49
CA PRO B 417 39.47 14.11 -31.12
C PRO B 417 38.74 14.64 -32.37
N ARG B 418 37.87 13.82 -32.96
CA ARG B 418 37.07 14.21 -34.13
C ARG B 418 38.00 14.63 -35.26
N THR B 419 37.85 15.85 -35.80
CA THR B 419 38.72 16.31 -36.91
C THR B 419 39.89 17.16 -36.44
N GLU B 420 39.89 17.53 -35.16
CA GLU B 420 40.95 18.33 -34.59
C GLU B 420 42.23 17.51 -34.36
N GLU B 421 43.37 18.19 -34.55
CA GLU B 421 44.69 17.62 -34.29
C GLU B 421 44.78 17.17 -32.84
N PRO B 422 44.91 15.85 -32.55
CA PRO B 422 44.87 15.36 -31.17
C PRO B 422 45.85 16.07 -30.23
N ARG B 423 47.10 16.23 -30.68
CA ARG B 423 48.11 16.94 -29.89
C ARG B 423 47.72 18.39 -29.52
N ALA B 424 46.99 19.08 -30.41
CA ALA B 424 46.56 20.45 -30.15
C ALA B 424 45.62 20.49 -28.95
N ILE B 425 44.71 19.51 -28.88
CA ILE B 425 43.78 19.38 -27.76
C ILE B 425 44.60 19.19 -26.50
N ILE B 426 45.55 18.26 -26.56
CA ILE B 426 46.41 17.95 -25.42
C ILE B 426 47.16 19.21 -24.97
N ASN B 427 47.67 19.99 -25.91
CA ASN B 427 48.37 21.23 -25.56
C ASN B 427 47.49 22.21 -24.83
N ASP B 428 46.23 22.34 -25.26
CA ASP B 428 45.25 23.20 -24.57
C ASP B 428 44.99 22.73 -23.13
N ILE B 429 45.00 21.41 -22.92
CA ILE B 429 44.87 20.83 -21.58
C ILE B 429 46.08 21.19 -20.73
N LEU B 430 47.27 20.93 -21.28
CA LEU B 430 48.54 21.19 -20.61
C LEU B 430 48.71 22.67 -20.25
N ALA B 431 48.18 23.56 -21.10
CA ALA B 431 48.21 25.00 -20.86
C ALA B 431 47.68 25.40 -19.49
N GLY B 432 46.70 24.63 -18.99
CA GLY B 432 46.07 24.88 -17.72
C GLY B 432 46.89 24.50 -16.49
N MET B 433 48.02 23.81 -16.70
CA MET B 433 48.80 23.22 -15.60
C MET B 433 49.94 24.11 -15.13
N LEU B 434 50.22 24.05 -13.83
CA LEU B 434 51.37 24.69 -13.22
C LEU B 434 52.66 23.98 -13.58
N ASP B 435 52.60 22.66 -13.77
CA ASP B 435 53.77 21.85 -14.04
C ASP B 435 53.46 20.75 -15.06
N ALA B 436 53.20 21.20 -16.29
CA ALA B 436 52.87 20.32 -17.39
C ALA B 436 53.94 19.29 -17.65
N GLY B 437 55.20 19.64 -17.34
CA GLY B 437 56.32 18.74 -17.54
C GLY B 437 56.23 17.46 -16.72
N HIS B 438 55.51 17.53 -15.60
CA HIS B 438 55.29 16.35 -14.74
C HIS B 438 54.08 15.50 -15.14
N ALA B 439 53.21 16.05 -16.00
CA ALA B 439 52.14 15.29 -16.65
C ALA B 439 52.75 14.30 -17.62
N LYS B 440 52.09 13.15 -17.82
CA LYS B 440 52.46 12.17 -18.81
C LYS B 440 51.51 12.38 -19.94
N VAL B 441 52.03 12.38 -21.17
CA VAL B 441 51.21 12.48 -22.34
C VAL B 441 51.39 11.19 -23.10
N MET B 442 50.26 10.60 -23.52
CA MET B 442 50.30 9.41 -24.33
C MET B 442 49.10 9.38 -25.24
N GLU B 443 49.38 9.31 -26.55
CA GLU B 443 48.37 9.26 -27.57
C GLU B 443 48.14 7.83 -28.01
N GLY B 444 46.90 7.58 -28.41
CA GLY B 444 46.29 6.29 -28.37
C GLY B 444 45.75 6.25 -26.96
N ARG B 445 44.43 6.28 -26.82
CA ARG B 445 43.79 6.23 -25.51
C ARG B 445 44.06 4.90 -24.86
N ALA B 446 43.91 3.82 -25.63
CA ALA B 446 44.16 2.46 -25.08
C ALA B 446 45.58 2.33 -24.50
N GLU B 447 46.55 2.92 -25.20
CA GLU B 447 47.94 2.92 -24.76
C GLU B 447 48.14 3.73 -23.49
N ALA B 448 47.42 4.86 -23.37
CA ALA B 448 47.49 5.73 -22.19
C ALA B 448 46.91 5.01 -20.99
N VAL B 449 45.76 4.38 -21.19
CA VAL B 449 45.13 3.58 -20.14
C VAL B 449 46.11 2.48 -19.67
N THR B 450 46.67 1.76 -20.64
CA THR B 450 47.63 0.70 -20.40
C THR B 450 48.83 1.21 -19.62
N CYS B 451 49.37 2.35 -20.07
CA CYS B 451 50.46 3.02 -19.40
C CYS B 451 50.25 3.25 -17.89
N ALA B 452 49.07 3.76 -17.51
CA ALA B 452 48.75 4.04 -16.12
C ALA B 452 48.57 2.74 -15.36
N VAL B 453 47.80 1.80 -15.94
CA VAL B 453 47.45 0.55 -15.25
C VAL B 453 48.67 -0.33 -15.02
N MET B 454 49.54 -0.42 -16.02
CA MET B 454 50.74 -1.27 -15.95
C MET B 454 51.84 -0.68 -15.07
N GLN B 455 51.88 0.65 -14.92
CA GLN B 455 52.88 1.30 -14.08
C GLN B 455 52.43 1.54 -12.65
N ALA B 456 51.12 1.70 -12.45
CA ALA B 456 50.59 2.02 -11.13
C ALA B 456 50.89 0.86 -10.16
N LYS B 457 51.20 1.20 -8.90
CA LYS B 457 51.39 0.21 -7.84
C LYS B 457 50.07 -0.47 -7.42
N GLU B 458 50.21 -1.55 -6.64
CA GLU B 458 49.08 -2.34 -6.17
C GLU B 458 48.10 -1.52 -5.37
N ASN B 459 48.62 -0.59 -4.56
CA ASN B 459 47.79 0.22 -3.69
C ASN B 459 47.44 1.59 -4.30
N ASP B 460 47.70 1.74 -5.60
CA ASP B 460 47.35 2.93 -6.34
C ASP B 460 45.91 2.76 -6.85
N VAL B 461 45.33 3.88 -7.25
CA VAL B 461 44.04 3.92 -7.92
C VAL B 461 44.24 4.71 -9.22
N VAL B 462 43.75 4.15 -10.33
CA VAL B 462 43.71 4.81 -11.62
C VAL B 462 42.27 5.17 -11.98
N LEU B 463 41.99 6.47 -12.09
CA LEU B 463 40.70 6.94 -12.58
C LEU B 463 40.85 7.11 -14.08
N VAL B 464 39.97 6.43 -14.84
CA VAL B 464 39.88 6.57 -16.30
C VAL B 464 38.60 7.32 -16.59
N ALA B 465 38.75 8.60 -16.91
CA ALA B 465 37.67 9.57 -16.95
C ALA B 465 37.32 9.96 -18.39
N GLY B 466 36.02 10.19 -18.64
CA GLY B 466 35.55 10.87 -19.83
C GLY B 466 34.57 10.13 -20.70
N LYS B 467 34.50 8.81 -20.54
CA LYS B 467 33.67 8.00 -21.41
C LYS B 467 32.59 7.20 -20.67
N GLY B 468 32.89 6.74 -19.46
CA GLY B 468 32.00 5.85 -18.71
C GLY B 468 31.68 4.61 -19.53
N HIS B 469 30.40 4.45 -19.89
CA HIS B 469 29.96 3.28 -20.68
C HIS B 469 29.92 3.52 -22.20
N GLU B 470 30.28 4.73 -22.65
CA GLU B 470 30.31 5.03 -24.09
C GLU B 470 31.42 4.20 -24.72
N ASP B 471 31.05 3.36 -25.71
CA ASP B 471 32.00 2.41 -26.30
C ASP B 471 32.43 2.75 -27.72
N TYR B 472 32.81 4.01 -27.91
CA TYR B 472 33.38 4.51 -29.17
C TYR B 472 34.40 5.62 -28.92
N GLN B 473 35.30 5.77 -29.88
CA GLN B 473 36.27 6.86 -29.95
C GLN B 473 36.08 7.49 -31.35
N ILE B 474 35.64 8.75 -31.37
CA ILE B 474 35.39 9.46 -32.62
C ILE B 474 36.69 10.06 -33.11
N VAL B 475 37.28 9.42 -34.13
CA VAL B 475 38.46 9.94 -34.84
C VAL B 475 38.00 10.28 -36.25
N GLY B 476 38.24 11.53 -36.68
CA GLY B 476 37.70 12.07 -37.90
C GLY B 476 36.19 12.19 -37.72
N ASN B 477 35.44 11.56 -38.65
CA ASN B 477 33.99 11.42 -38.55
C ASN B 477 33.60 10.02 -38.03
N GLN B 478 34.60 9.12 -37.98
CA GLN B 478 34.39 7.69 -37.76
C GLN B 478 34.26 7.33 -36.27
N ARG B 479 33.24 6.54 -35.97
CA ARG B 479 32.97 6.03 -34.63
C ARG B 479 33.69 4.67 -34.51
N LEU B 480 34.96 4.71 -34.11
CA LEU B 480 35.77 3.51 -33.92
C LEU B 480 35.36 2.80 -32.63
N ASP B 481 35.30 1.46 -32.72
CA ASP B 481 34.95 0.63 -31.58
C ASP B 481 36.08 0.71 -30.56
N TYR B 482 35.74 1.17 -29.35
CA TYR B 482 36.68 1.27 -28.26
C TYR B 482 35.91 1.40 -26.95
N SER B 483 36.33 0.66 -25.92
CA SER B 483 35.74 0.76 -24.59
C SER B 483 36.80 0.85 -23.51
N ASP B 484 36.74 1.91 -22.69
CA ASP B 484 37.54 2.02 -21.49
C ASP B 484 37.34 0.79 -20.60
N ARG B 485 36.09 0.39 -20.42
CA ARG B 485 35.71 -0.70 -19.52
C ARG B 485 36.36 -2.00 -19.96
N VAL B 486 36.23 -2.31 -21.26
CA VAL B 486 36.82 -3.50 -21.85
C VAL B 486 38.36 -3.46 -21.76
N THR B 487 38.95 -2.30 -22.09
CA THR B 487 40.39 -2.14 -22.06
C THR B 487 40.95 -2.43 -20.63
N VAL B 488 40.30 -1.82 -19.64
CA VAL B 488 40.67 -1.98 -18.26
C VAL B 488 40.50 -3.43 -17.78
N ALA B 489 39.35 -4.03 -18.14
CA ALA B 489 39.03 -5.41 -17.73
C ALA B 489 40.09 -6.37 -18.23
N ARG B 490 40.46 -6.24 -19.51
CA ARG B 490 41.49 -7.06 -20.14
C ARG B 490 42.84 -6.91 -19.47
N LEU B 491 43.22 -5.67 -19.16
CA LEU B 491 44.48 -5.38 -18.47
C LEU B 491 44.52 -5.98 -17.07
N LEU B 492 43.37 -5.99 -16.38
CA LEU B 492 43.29 -6.53 -15.04
C LEU B 492 43.05 -8.04 -15.02
N GLY B 493 42.67 -8.60 -16.18
CA GLY B 493 42.37 -10.01 -16.30
C GLY B 493 41.01 -10.35 -15.71
N VAL B 494 40.09 -9.38 -15.80
CA VAL B 494 38.72 -9.54 -15.31
C VAL B 494 37.77 -9.34 -16.48
N ILE B 495 36.46 -9.41 -16.21
CA ILE B 495 35.43 -9.31 -17.25
C ILE B 495 34.62 -8.02 -17.03
N ALA B 496 34.43 -7.26 -18.11
CA ALA B 496 33.65 -6.03 -18.10
C ALA B 496 32.17 -6.40 -18.16
#